data_1CA9
#
_entry.id   1CA9
#
_cell.length_a   83.000
_cell.length_b   84.400
_cell.length_c   100.700
_cell.angle_alpha   90.00
_cell.angle_beta   108.70
_cell.angle_gamma   90.00
#
_symmetry.space_group_name_H-M   'P 1 21 1'
#
loop_
_entity.id
_entity.type
_entity.pdbx_description
1 polymer 'PROTEIN (TNF RECEPTOR ASSOCIATED FACTOR 2)'
2 polymer 'PROTEIN (TNF-R2)'
3 water water
#
loop_
_entity_poly.entity_id
_entity_poly.type
_entity_poly.pdbx_seq_one_letter_code
_entity_poly.pdbx_strand_id
1 'polypeptide(L)'
;DQDKIEALSSKVQQLERSIGLKDLAMADLEQKVLEMEASTYDGVFIWKISDFARKRQEAVAGRIPAIFSPAFYTSRYGYK
MCLRIYLNGDGTGRGTHLSLFFVVMKGPNDALLRWPFNQKVTLMLLDQNNREHVIDAFRPDVTSSSFQRPVNDMNIASGC
PLFCPVSKMEAKNSYVRDDAIFIKAIVDLTGL
;
A,B,C,D,E,F
2 'polypeptide(L)' GQVPFSKEEC G,H
#
# COMPACT_ATOMS: atom_id res chain seq x y z
N GLN A 2 25.32 41.02 29.85
CA GLN A 2 23.87 40.91 30.20
C GLN A 2 23.04 40.38 29.02
N ASP A 3 23.01 41.14 27.93
CA ASP A 3 22.25 40.77 26.74
C ASP A 3 23.03 39.82 25.84
N LYS A 4 24.35 39.97 25.82
CA LYS A 4 25.24 39.15 24.99
C LYS A 4 24.91 37.66 25.02
N ILE A 5 24.45 37.18 26.17
CA ILE A 5 24.11 35.77 26.34
C ILE A 5 22.90 35.43 25.47
N GLU A 6 21.96 36.36 25.39
CA GLU A 6 20.76 36.16 24.59
C GLU A 6 21.16 36.33 23.14
N ALA A 7 22.07 37.27 22.90
CA ALA A 7 22.56 37.57 21.56
C ALA A 7 23.12 36.33 20.87
N LEU A 8 23.27 35.23 21.61
CA LEU A 8 23.79 34.00 21.04
C LEU A 8 22.72 32.91 21.00
N SER A 9 22.03 32.73 22.12
CA SER A 9 20.97 31.75 22.22
C SER A 9 20.00 31.95 21.04
N SER A 10 19.89 33.21 20.62
CA SER A 10 19.01 33.61 19.53
C SER A 10 19.50 33.13 18.17
N LYS A 11 20.72 33.52 17.79
CA LYS A 11 21.27 33.09 16.53
C LYS A 11 21.32 31.56 16.49
N VAL A 12 21.81 30.97 17.58
CA VAL A 12 21.92 29.53 17.69
C VAL A 12 20.55 28.90 17.48
N GLN A 13 19.51 29.69 17.72
CA GLN A 13 18.15 29.21 17.53
C GLN A 13 17.81 29.41 16.06
N GLN A 14 18.46 30.38 15.43
CA GLN A 14 18.25 30.69 14.02
C GLN A 14 18.91 29.58 13.21
N LEU A 15 20.16 29.30 13.56
CA LEU A 15 20.92 28.24 12.90
C LEU A 15 20.16 26.93 12.90
N GLU A 16 19.69 26.49 14.07
CA GLU A 16 18.95 25.24 14.16
C GLU A 16 17.71 25.27 13.30
N ARG A 17 17.05 26.42 13.27
CA ARG A 17 15.84 26.57 12.48
C ARG A 17 16.24 26.42 11.02
N SER A 18 17.34 27.07 10.65
CA SER A 18 17.86 27.05 9.29
C SER A 18 18.30 25.65 8.90
N ILE A 19 19.23 25.10 9.66
CA ILE A 19 19.73 23.76 9.41
C ILE A 19 18.56 22.80 9.33
N GLY A 20 17.49 23.13 10.05
CA GLY A 20 16.33 22.28 10.06
C GLY A 20 15.50 22.39 8.79
N LEU A 21 15.23 23.63 8.39
CA LEU A 21 14.43 23.86 7.20
C LEU A 21 15.18 23.33 5.99
N LYS A 22 16.49 23.23 6.12
CA LYS A 22 17.34 22.73 5.04
C LYS A 22 17.01 21.26 4.77
N ASP A 23 17.24 20.42 5.76
CA ASP A 23 17.00 18.98 5.64
C ASP A 23 15.67 18.58 5.01
N LEU A 24 14.64 19.41 5.11
CA LEU A 24 13.38 19.05 4.49
C LEU A 24 13.57 19.10 2.98
N ALA A 25 14.14 20.20 2.51
CA ALA A 25 14.39 20.36 1.09
C ALA A 25 15.26 19.19 0.64
N MET A 26 16.30 18.92 1.42
CA MET A 26 17.21 17.82 1.12
C MET A 26 16.39 16.55 0.94
N ALA A 27 15.33 16.43 1.75
CA ALA A 27 14.46 15.27 1.70
C ALA A 27 13.77 15.17 0.36
N ASP A 28 13.14 16.25 -0.06
CA ASP A 28 12.43 16.27 -1.34
C ASP A 28 13.36 16.07 -2.52
N LEU A 29 14.61 16.47 -2.37
CA LEU A 29 15.56 16.33 -3.45
C LEU A 29 15.95 14.86 -3.62
N GLU A 30 16.18 14.18 -2.50
CA GLU A 30 16.55 12.78 -2.52
C GLU A 30 15.42 11.93 -3.06
N GLN A 31 14.17 12.37 -2.85
CA GLN A 31 13.00 11.64 -3.35
C GLN A 31 12.87 11.81 -4.86
N LYS A 32 13.16 13.01 -5.32
CA LYS A 32 13.08 13.32 -6.73
C LYS A 32 14.11 12.42 -7.43
N VAL A 33 15.33 12.40 -6.89
CA VAL A 33 16.42 11.63 -7.46
C VAL A 33 16.12 10.13 -7.52
N LEU A 34 15.45 9.61 -6.49
CA LEU A 34 15.10 8.21 -6.47
C LEU A 34 14.06 7.88 -7.54
N GLU A 35 13.11 8.78 -7.74
CA GLU A 35 12.06 8.60 -8.75
C GLU A 35 12.66 8.59 -10.15
N MET A 36 13.58 9.51 -10.37
CA MET A 36 14.24 9.62 -11.67
C MET A 36 15.07 8.36 -11.93
N GLU A 37 15.70 7.86 -10.88
CA GLU A 37 16.53 6.67 -10.98
C GLU A 37 15.74 5.41 -11.41
N ALA A 38 14.45 5.35 -11.07
CA ALA A 38 13.64 4.18 -11.38
C ALA A 38 12.79 4.23 -12.64
N SER A 39 12.52 5.44 -13.11
CA SER A 39 11.68 5.60 -14.29
C SER A 39 12.25 5.07 -15.60
N THR A 40 11.35 4.71 -16.50
CA THR A 40 11.70 4.23 -17.83
C THR A 40 10.74 4.97 -18.76
N TYR A 41 11.00 4.95 -20.06
CA TYR A 41 10.14 5.66 -20.99
C TYR A 41 9.82 4.84 -22.23
N ASP A 42 9.73 3.52 -22.05
CA ASP A 42 9.44 2.63 -23.15
C ASP A 42 8.32 1.67 -22.77
N GLY A 43 7.57 2.04 -21.73
CA GLY A 43 6.47 1.20 -21.27
C GLY A 43 6.86 -0.12 -20.65
N VAL A 44 8.14 -0.36 -20.42
CA VAL A 44 8.59 -1.60 -19.80
C VAL A 44 9.19 -1.27 -18.43
N PHE A 45 8.73 -1.97 -17.40
CA PHE A 45 9.19 -1.67 -16.06
C PHE A 45 9.44 -2.93 -15.22
N ILE A 46 10.53 -2.95 -14.46
CA ILE A 46 10.82 -4.09 -13.60
C ILE A 46 11.01 -3.59 -12.18
N TRP A 47 10.10 -4.04 -11.32
CA TRP A 47 10.04 -3.64 -9.92
C TRP A 47 10.60 -4.69 -8.99
N LYS A 48 11.67 -4.33 -8.29
CA LYS A 48 12.28 -5.27 -7.36
C LYS A 48 11.82 -4.94 -5.93
N ILE A 49 11.08 -5.86 -5.34
CA ILE A 49 10.59 -5.67 -3.98
C ILE A 49 11.41 -6.51 -3.00
N SER A 50 12.31 -5.83 -2.30
CA SER A 50 13.16 -6.46 -1.31
C SER A 50 12.49 -6.47 0.07
N ASP A 51 13.08 -7.23 0.99
CA ASP A 51 12.55 -7.38 2.35
C ASP A 51 11.13 -7.89 2.19
N PHE A 52 11.01 -8.92 1.35
CA PHE A 52 9.75 -9.54 1.05
C PHE A 52 9.04 -10.12 2.29
N ALA A 53 9.79 -10.85 3.10
CA ALA A 53 9.23 -11.45 4.31
C ALA A 53 8.59 -10.39 5.21
N ARG A 54 9.39 -9.39 5.58
CA ARG A 54 8.90 -8.31 6.44
C ARG A 54 7.67 -7.62 5.84
N LYS A 55 7.71 -7.28 4.57
CA LYS A 55 6.58 -6.61 3.92
C LYS A 55 5.40 -7.57 3.75
N ARG A 56 5.70 -8.87 3.70
CA ARG A 56 4.69 -9.89 3.56
C ARG A 56 3.93 -9.98 4.88
N GLN A 57 4.65 -9.85 5.99
CA GLN A 57 4.06 -9.88 7.32
C GLN A 57 3.21 -8.64 7.60
N GLU A 58 3.74 -7.47 7.26
CA GLU A 58 3.02 -6.22 7.47
C GLU A 58 1.71 -6.24 6.71
N ALA A 59 1.64 -7.08 5.67
CA ALA A 59 0.44 -7.20 4.86
C ALA A 59 -0.59 -8.08 5.56
N VAL A 60 -0.13 -9.21 6.08
CA VAL A 60 -1.00 -10.14 6.79
C VAL A 60 -1.50 -9.50 8.06
N ALA A 61 -0.57 -8.92 8.83
CA ALA A 61 -0.89 -8.27 10.08
C ALA A 61 -1.72 -7.01 9.85
N GLY A 62 -2.07 -6.77 8.60
CA GLY A 62 -2.88 -5.60 8.25
C GLY A 62 -2.26 -4.24 8.55
N ARG A 63 -0.98 -4.19 8.90
CA ARG A 63 -0.34 -2.90 9.21
C ARG A 63 -0.13 -2.09 7.92
N ILE A 64 0.34 -2.76 6.86
CA ILE A 64 0.58 -2.11 5.56
C ILE A 64 0.01 -2.97 4.44
N PRO A 65 -1.29 -2.82 4.15
CA PRO A 65 -1.99 -3.58 3.11
C PRO A 65 -1.53 -3.46 1.66
N ALA A 66 -1.05 -2.28 1.25
CA ALA A 66 -0.64 -2.12 -0.13
C ALA A 66 0.58 -1.24 -0.30
N ILE A 67 1.31 -1.42 -1.40
CA ILE A 67 2.50 -0.62 -1.66
C ILE A 67 2.48 -0.12 -3.09
N PHE A 68 2.86 1.14 -3.31
CA PHE A 68 2.93 1.67 -4.68
C PHE A 68 4.34 1.44 -5.21
N SER A 69 4.49 1.45 -6.53
CA SER A 69 5.81 1.29 -7.14
C SER A 69 6.22 2.66 -7.70
N PRO A 70 7.50 2.81 -8.08
CA PRO A 70 7.93 4.10 -8.63
C PRO A 70 7.17 4.24 -9.96
N ALA A 71 7.20 5.44 -10.55
CA ALA A 71 6.50 5.70 -11.79
C ALA A 71 7.33 5.51 -13.07
N PHE A 72 6.68 5.11 -14.16
CA PHE A 72 7.36 4.94 -15.45
C PHE A 72 6.48 5.52 -16.57
N TYR A 73 6.98 5.52 -17.81
CA TYR A 73 6.21 6.12 -18.89
C TYR A 73 6.12 5.29 -20.16
N THR A 74 5.15 5.63 -21.01
CA THR A 74 4.97 4.93 -22.28
C THR A 74 5.96 5.42 -23.34
N SER A 75 6.42 6.65 -23.17
CA SER A 75 7.39 7.27 -24.07
C SER A 75 7.98 8.45 -23.33
N ARG A 76 8.94 9.14 -23.93
CA ARG A 76 9.57 10.28 -23.25
C ARG A 76 8.54 11.29 -22.77
N TYR A 77 7.43 11.42 -23.50
CA TYR A 77 6.39 12.35 -23.12
C TYR A 77 5.03 11.68 -23.13
N GLY A 78 4.98 10.40 -22.76
CA GLY A 78 3.71 9.69 -22.76
C GLY A 78 2.98 9.69 -21.42
N TYR A 79 2.15 8.67 -21.18
CA TYR A 79 1.40 8.59 -19.92
C TYR A 79 2.31 8.23 -18.75
N LYS A 80 1.96 8.69 -17.56
CA LYS A 80 2.74 8.37 -16.36
C LYS A 80 1.98 7.24 -15.66
N MET A 81 2.70 6.25 -15.15
CA MET A 81 2.04 5.10 -14.53
C MET A 81 2.86 4.46 -13.43
N CYS A 82 2.18 3.74 -12.54
CA CYS A 82 2.86 3.01 -11.47
C CYS A 82 2.04 1.76 -11.19
N LEU A 83 2.54 0.91 -10.29
CA LEU A 83 1.83 -0.31 -9.94
C LEU A 83 1.48 -0.30 -8.46
N ARG A 84 0.44 -1.05 -8.09
CA ARG A 84 0.07 -1.14 -6.68
C ARG A 84 -0.15 -2.60 -6.38
N ILE A 85 0.51 -3.09 -5.34
CA ILE A 85 0.39 -4.49 -5.00
C ILE A 85 -0.07 -4.71 -3.56
N TYR A 86 -0.84 -5.77 -3.35
CA TYR A 86 -1.32 -6.17 -2.02
C TYR A 86 -0.68 -7.54 -1.78
N LEU A 87 0.36 -7.57 -0.97
CA LEU A 87 1.05 -8.83 -0.73
C LEU A 87 0.18 -9.96 -0.19
N ASN A 88 -0.95 -9.62 0.43
CA ASN A 88 -1.81 -10.66 0.94
C ASN A 88 -3.22 -10.55 0.36
N GLY A 89 -3.32 -9.94 -0.81
CA GLY A 89 -4.59 -9.83 -1.50
C GLY A 89 -5.55 -8.72 -1.18
N ASP A 90 -6.49 -8.55 -2.11
CA ASP A 90 -7.52 -7.55 -2.00
C ASP A 90 -8.79 -8.08 -2.66
N GLY A 91 -9.94 -7.61 -2.20
CA GLY A 91 -11.21 -8.05 -2.77
C GLY A 91 -11.32 -9.55 -2.92
N THR A 92 -11.77 -9.98 -4.09
CA THR A 92 -11.93 -11.41 -4.37
C THR A 92 -10.67 -12.22 -4.11
N GLY A 93 -9.57 -11.55 -3.77
CA GLY A 93 -8.32 -12.24 -3.53
C GLY A 93 -7.75 -12.12 -2.12
N ARG A 94 -8.42 -11.36 -1.26
CA ARG A 94 -7.95 -11.17 0.11
C ARG A 94 -7.61 -12.47 0.81
N GLY A 95 -6.42 -12.51 1.41
CA GLY A 95 -5.98 -13.68 2.13
C GLY A 95 -5.53 -14.89 1.34
N THR A 96 -5.94 -14.98 0.07
CA THR A 96 -5.54 -16.14 -0.73
C THR A 96 -4.58 -15.80 -1.87
N HIS A 97 -4.74 -14.63 -2.49
CA HIS A 97 -3.88 -14.25 -3.59
C HIS A 97 -3.14 -12.92 -3.48
N LEU A 98 -2.01 -12.86 -4.15
CA LEU A 98 -1.19 -11.67 -4.23
C LEU A 98 -1.94 -10.86 -5.29
N SER A 99 -2.43 -9.68 -4.93
CA SER A 99 -3.19 -8.85 -5.88
C SER A 99 -2.34 -7.73 -6.50
N LEU A 100 -2.40 -7.61 -7.83
CA LEU A 100 -1.60 -6.63 -8.54
C LEU A 100 -2.41 -5.71 -9.44
N PHE A 101 -2.32 -4.40 -9.20
CA PHE A 101 -3.06 -3.45 -10.00
C PHE A 101 -2.21 -2.43 -10.76
N PHE A 102 -2.80 -1.85 -11.80
CA PHE A 102 -2.15 -0.85 -12.66
C PHE A 102 -2.75 0.49 -12.31
N VAL A 103 -1.92 1.53 -12.24
CA VAL A 103 -2.39 2.88 -11.88
C VAL A 103 -1.98 3.94 -12.89
N VAL A 104 -2.96 4.75 -13.30
CA VAL A 104 -2.70 5.84 -14.24
C VAL A 104 -2.52 7.11 -13.39
N MET A 105 -1.35 7.75 -13.51
CA MET A 105 -1.08 8.97 -12.74
C MET A 105 -1.16 10.24 -13.59
N LYS A 106 -1.31 11.38 -12.93
CA LYS A 106 -1.38 12.64 -13.66
C LYS A 106 0.00 12.96 -14.23
N GLY A 107 0.11 12.94 -15.54
CA GLY A 107 1.38 13.21 -16.18
C GLY A 107 1.57 14.66 -16.58
N PRO A 108 2.81 15.07 -16.87
CA PRO A 108 3.14 16.43 -17.26
C PRO A 108 2.58 16.79 -18.61
N ASN A 109 2.38 15.79 -19.46
CA ASN A 109 1.91 15.99 -20.82
C ASN A 109 0.50 15.49 -21.09
N ASP A 110 -0.25 15.17 -20.03
CA ASP A 110 -1.60 14.66 -20.21
C ASP A 110 -2.44 15.45 -21.22
N ALA A 111 -2.23 16.76 -21.30
CA ALA A 111 -2.98 17.58 -22.25
C ALA A 111 -2.74 17.21 -23.71
N LEU A 112 -1.62 16.55 -23.99
CA LEU A 112 -1.27 16.17 -25.36
C LEU A 112 -1.62 14.72 -25.71
N LEU A 113 -2.14 13.99 -24.74
CA LEU A 113 -2.48 12.59 -24.93
C LEU A 113 -3.96 12.33 -25.15
N ARG A 114 -4.25 11.19 -25.76
CA ARG A 114 -5.62 10.80 -26.04
C ARG A 114 -6.22 10.07 -24.85
N TRP A 115 -7.48 10.40 -24.54
CA TRP A 115 -8.16 9.76 -23.44
C TRP A 115 -9.47 9.15 -23.93
N PRO A 116 -9.94 8.06 -23.28
CA PRO A 116 -9.35 7.36 -22.14
C PRO A 116 -8.12 6.53 -22.51
N PHE A 117 -7.37 6.14 -21.50
CA PHE A 117 -6.18 5.30 -21.68
C PHE A 117 -6.68 3.97 -22.22
N ASN A 118 -6.22 3.59 -23.41
CA ASN A 118 -6.69 2.34 -24.02
C ASN A 118 -5.59 1.39 -24.48
N GLN A 119 -4.61 1.12 -23.62
CA GLN A 119 -3.52 0.22 -24.00
C GLN A 119 -3.57 -1.11 -23.26
N LYS A 120 -3.15 -2.16 -23.95
CA LYS A 120 -3.10 -3.49 -23.34
C LYS A 120 -1.95 -3.49 -22.34
N VAL A 121 -2.19 -4.00 -21.13
CA VAL A 121 -1.14 -4.06 -20.11
C VAL A 121 -0.84 -5.51 -19.74
N THR A 122 0.43 -5.87 -19.63
CA THR A 122 0.82 -7.22 -19.25
C THR A 122 1.56 -7.17 -17.91
N LEU A 123 1.23 -8.08 -17.02
CA LEU A 123 1.86 -8.14 -15.70
C LEU A 123 2.48 -9.50 -15.48
N MET A 124 3.64 -9.52 -14.82
CA MET A 124 4.36 -10.77 -14.58
C MET A 124 5.04 -10.81 -13.22
N LEU A 125 5.18 -12.02 -12.71
CA LEU A 125 5.90 -12.27 -11.46
C LEU A 125 7.01 -13.16 -11.99
N LEU A 126 8.24 -12.65 -11.98
CA LEU A 126 9.35 -13.40 -12.55
C LEU A 126 9.94 -14.58 -11.80
N ASP A 127 10.08 -15.67 -12.52
CA ASP A 127 10.67 -16.86 -11.96
C ASP A 127 12.17 -16.59 -12.03
N GLN A 128 12.82 -16.52 -10.87
CA GLN A 128 14.24 -16.26 -10.86
C GLN A 128 15.03 -17.50 -11.30
N ASN A 129 14.32 -18.39 -11.99
CA ASN A 129 14.87 -19.63 -12.53
C ASN A 129 14.54 -19.63 -14.02
N ASN A 130 13.81 -18.58 -14.43
CA ASN A 130 13.37 -18.36 -15.81
C ASN A 130 12.64 -19.53 -16.46
N ARG A 131 12.09 -20.42 -15.64
CA ARG A 131 11.37 -21.58 -16.13
C ARG A 131 9.92 -21.24 -16.45
N GLU A 132 9.20 -20.77 -15.43
CA GLU A 132 7.80 -20.44 -15.60
C GLU A 132 7.41 -19.17 -14.86
N HIS A 133 7.27 -18.08 -15.61
CA HIS A 133 6.88 -16.81 -15.04
C HIS A 133 5.36 -16.81 -14.90
N VAL A 134 4.86 -16.15 -13.87
CA VAL A 134 3.43 -16.05 -13.71
C VAL A 134 3.09 -14.82 -14.53
N ILE A 135 2.17 -14.97 -15.47
CA ILE A 135 1.80 -13.86 -16.32
C ILE A 135 0.29 -13.73 -16.49
N ASP A 136 -0.17 -12.50 -16.67
CA ASP A 136 -1.59 -12.21 -16.87
C ASP A 136 -1.63 -10.85 -17.55
N ALA A 137 -2.67 -10.60 -18.34
CA ALA A 137 -2.80 -9.32 -19.03
C ALA A 137 -4.26 -8.89 -19.10
N PHE A 138 -4.51 -7.65 -19.48
CA PHE A 138 -5.88 -7.16 -19.59
C PHE A 138 -5.95 -5.98 -20.53
N ARG A 139 -7.14 -5.70 -21.02
CA ARG A 139 -7.37 -4.56 -21.88
C ARG A 139 -8.21 -3.61 -21.06
N PRO A 140 -7.90 -2.31 -21.12
CA PRO A 140 -8.64 -1.32 -20.35
C PRO A 140 -10.13 -1.22 -20.70
N ASP A 141 -10.98 -1.13 -19.69
CA ASP A 141 -12.40 -0.97 -19.93
C ASP A 141 -12.66 0.52 -20.16
N VAL A 142 -12.60 0.92 -21.44
CA VAL A 142 -12.80 2.30 -21.85
C VAL A 142 -13.89 3.05 -21.08
N THR A 143 -14.75 2.31 -20.38
CA THR A 143 -15.82 2.94 -19.63
C THR A 143 -15.53 3.11 -18.13
N SER A 144 -14.41 2.57 -17.66
CA SER A 144 -14.05 2.69 -16.25
C SER A 144 -13.43 4.05 -15.97
N SER A 145 -13.46 4.51 -14.72
CA SER A 145 -12.88 5.81 -14.41
C SER A 145 -11.40 5.71 -14.15
N SER A 146 -10.87 4.48 -14.16
CA SER A 146 -9.46 4.27 -13.94
C SER A 146 -8.62 4.72 -15.14
N PHE A 147 -9.25 4.78 -16.29
CA PHE A 147 -8.54 5.16 -17.50
C PHE A 147 -8.95 6.47 -18.13
N GLN A 148 -9.55 7.36 -17.35
CA GLN A 148 -9.95 8.65 -17.88
C GLN A 148 -8.80 9.61 -17.56
N ARG A 149 -8.80 10.82 -18.14
CA ARG A 149 -7.72 11.74 -17.83
C ARG A 149 -7.73 12.10 -16.36
N PRO A 150 -6.60 11.88 -15.68
CA PRO A 150 -6.43 12.15 -14.24
C PRO A 150 -6.77 13.56 -13.78
N VAL A 151 -7.65 13.65 -12.79
CA VAL A 151 -8.03 14.94 -12.24
C VAL A 151 -7.25 15.08 -10.94
N ASN A 152 -6.95 13.94 -10.34
CA ASN A 152 -6.16 13.85 -9.10
C ASN A 152 -4.77 13.31 -9.44
N ASP A 153 -3.95 13.11 -8.41
CA ASP A 153 -2.60 12.60 -8.62
C ASP A 153 -2.59 11.15 -9.17
N MET A 154 -3.62 10.39 -8.82
CA MET A 154 -3.76 8.99 -9.25
C MET A 154 -5.23 8.63 -9.41
N ASN A 155 -5.56 7.85 -10.45
CA ASN A 155 -6.93 7.41 -10.64
C ASN A 155 -7.10 6.13 -9.83
N ILE A 156 -8.31 5.58 -9.82
CA ILE A 156 -8.61 4.34 -9.09
C ILE A 156 -7.80 3.26 -9.79
N ALA A 157 -7.08 2.45 -9.03
CA ALA A 157 -6.29 1.38 -9.63
C ALA A 157 -7.19 0.30 -10.22
N SER A 158 -6.68 -0.43 -11.18
CA SER A 158 -7.44 -1.47 -11.84
C SER A 158 -6.47 -2.51 -12.35
N GLY A 159 -6.81 -3.79 -12.23
CA GLY A 159 -5.91 -4.83 -12.70
C GLY A 159 -6.34 -6.26 -12.42
N CYS A 160 -5.51 -6.98 -11.69
CA CYS A 160 -5.76 -8.39 -11.38
C CYS A 160 -5.80 -8.75 -9.91
N PRO A 161 -7.00 -8.75 -9.29
CA PRO A 161 -7.14 -9.09 -7.87
C PRO A 161 -6.65 -10.51 -7.56
N LEU A 162 -6.82 -11.42 -8.53
CA LEU A 162 -6.38 -12.80 -8.36
C LEU A 162 -5.13 -13.10 -9.21
N PHE A 163 -4.20 -12.16 -9.23
CA PHE A 163 -2.97 -12.30 -9.99
C PHE A 163 -2.18 -13.56 -9.70
N CYS A 164 -1.94 -13.87 -8.43
CA CYS A 164 -1.15 -15.04 -8.11
C CYS A 164 -1.43 -15.61 -6.72
N PRO A 165 -1.60 -16.94 -6.60
CA PRO A 165 -1.87 -17.64 -5.33
C PRO A 165 -0.71 -17.51 -4.33
N VAL A 166 -1.06 -17.22 -3.08
CA VAL A 166 -0.07 -17.05 -2.01
C VAL A 166 0.79 -18.27 -1.75
N SER A 167 0.17 -19.43 -1.65
CA SER A 167 0.90 -20.66 -1.38
C SER A 167 2.03 -20.82 -2.38
N LYS A 168 1.83 -20.26 -3.56
CA LYS A 168 2.81 -20.36 -4.62
C LYS A 168 4.14 -19.68 -4.29
N MET A 169 4.28 -19.22 -3.06
CA MET A 169 5.52 -18.58 -2.64
C MET A 169 5.83 -18.71 -1.16
N GLU A 170 4.80 -18.93 -0.35
CA GLU A 170 5.00 -19.10 1.08
C GLU A 170 5.66 -20.45 1.35
N ALA A 171 5.98 -21.16 0.28
CA ALA A 171 6.63 -22.47 0.38
C ALA A 171 7.99 -22.44 -0.32
N LYS A 172 8.37 -23.58 -0.89
CA LYS A 172 9.65 -23.71 -1.59
C LYS A 172 9.48 -23.36 -3.06
N ASN A 173 9.75 -22.10 -3.42
CA ASN A 173 9.61 -21.67 -4.80
C ASN A 173 10.82 -20.94 -5.34
N SER A 174 10.71 -20.54 -6.60
CA SER A 174 11.78 -19.81 -7.26
C SER A 174 11.37 -18.37 -7.57
N TYR A 175 10.27 -17.91 -6.98
CA TYR A 175 9.81 -16.54 -7.19
C TYR A 175 10.40 -15.65 -6.11
N VAL A 176 10.68 -16.24 -4.95
CA VAL A 176 11.28 -15.51 -3.85
C VAL A 176 12.69 -16.03 -3.72
N ARG A 177 13.66 -15.14 -3.74
CA ARG A 177 15.06 -15.51 -3.63
C ARG A 177 15.80 -14.36 -2.98
N ASP A 178 16.74 -14.66 -2.09
CA ASP A 178 17.49 -13.62 -1.39
C ASP A 178 16.51 -12.67 -0.71
N ASP A 179 15.31 -13.16 -0.44
CA ASP A 179 14.27 -12.37 0.22
C ASP A 179 13.81 -11.18 -0.63
N ALA A 180 13.59 -11.43 -1.93
CA ALA A 180 13.15 -10.40 -2.86
C ALA A 180 12.46 -11.04 -4.06
N ILE A 181 11.51 -10.31 -4.64
CA ILE A 181 10.80 -10.78 -5.82
C ILE A 181 10.87 -9.66 -6.88
N PHE A 182 10.59 -9.98 -8.14
CA PHE A 182 10.62 -8.99 -9.21
C PHE A 182 9.32 -9.00 -9.98
N ILE A 183 8.72 -7.82 -10.16
CA ILE A 183 7.47 -7.72 -10.92
C ILE A 183 7.81 -7.03 -12.24
N LYS A 184 7.17 -7.45 -13.32
CA LYS A 184 7.44 -6.81 -14.60
C LYS A 184 6.16 -6.28 -15.21
N ALA A 185 6.24 -5.10 -15.81
CA ALA A 185 5.09 -4.51 -16.47
C ALA A 185 5.47 -4.13 -17.90
N ILE A 186 4.60 -4.48 -18.84
CA ILE A 186 4.83 -4.20 -20.25
C ILE A 186 3.57 -3.61 -20.86
N VAL A 187 3.63 -2.33 -21.22
CA VAL A 187 2.48 -1.69 -21.82
C VAL A 187 2.61 -1.70 -23.32
N ASP A 188 1.67 -2.35 -23.98
CA ASP A 188 1.65 -2.44 -25.42
C ASP A 188 1.55 -1.02 -25.95
N LEU A 189 2.42 -0.68 -26.90
CA LEU A 189 2.46 0.66 -27.44
C LEU A 189 1.76 0.84 -28.78
N THR A 190 0.97 -0.16 -29.20
CA THR A 190 0.25 -0.08 -30.47
C THR A 190 -0.60 1.19 -30.52
N GLY A 191 -0.45 1.96 -31.59
CA GLY A 191 -1.22 3.19 -31.75
C GLY A 191 -0.55 4.45 -31.24
N LEU A 192 0.57 4.31 -30.54
CA LEU A 192 1.27 5.47 -30.01
C LEU A 192 2.54 5.76 -30.81
N GLN B 2 34.83 36.81 28.93
CA GLN B 2 35.65 37.46 27.86
C GLN B 2 36.08 36.44 26.81
N ASP B 3 36.55 35.29 27.28
CA ASP B 3 36.99 34.21 26.39
C ASP B 3 35.81 33.25 26.16
N LYS B 4 34.91 33.21 27.13
CA LYS B 4 33.74 32.35 27.05
C LYS B 4 32.83 32.86 25.93
N ILE B 5 32.72 34.18 25.83
CA ILE B 5 31.88 34.80 24.82
C ILE B 5 32.47 34.63 23.42
N GLU B 6 33.74 34.98 23.26
CA GLU B 6 34.41 34.87 21.96
C GLU B 6 34.45 33.42 21.48
N ALA B 7 34.60 32.48 22.40
CA ALA B 7 34.65 31.07 22.02
C ALA B 7 33.32 30.68 21.38
N LEU B 8 32.21 31.03 22.02
CA LEU B 8 30.89 30.72 21.49
C LEU B 8 30.72 31.46 20.17
N SER B 9 31.14 32.74 20.16
CA SER B 9 31.04 33.57 18.97
C SER B 9 31.82 32.96 17.81
N SER B 10 33.06 32.55 18.08
CA SER B 10 33.90 31.92 17.06
C SER B 10 33.13 30.76 16.43
N LYS B 11 32.66 29.85 17.27
CA LYS B 11 31.89 28.69 16.81
C LYS B 11 30.74 29.21 15.97
N VAL B 12 30.04 30.21 16.50
CA VAL B 12 28.92 30.81 15.80
C VAL B 12 29.29 31.03 14.34
N GLN B 13 30.23 31.95 14.13
CA GLN B 13 30.70 32.29 12.79
C GLN B 13 31.00 31.05 11.95
N GLN B 14 31.99 30.27 12.38
CA GLN B 14 32.39 29.06 11.67
C GLN B 14 31.18 28.20 11.33
N LEU B 15 30.23 28.07 12.27
CA LEU B 15 29.03 27.27 12.03
C LEU B 15 28.19 27.91 10.92
N GLU B 16 27.95 29.22 11.01
CA GLU B 16 27.17 29.93 10.01
C GLU B 16 27.84 29.84 8.63
N ARG B 17 29.16 29.83 8.61
CA ARG B 17 29.88 29.74 7.34
C ARG B 17 29.71 28.34 6.73
N SER B 18 29.91 27.31 7.54
CA SER B 18 29.77 25.94 7.07
C SER B 18 28.37 25.70 6.51
N ILE B 19 27.37 26.24 7.20
CA ILE B 19 25.99 26.07 6.77
C ILE B 19 25.77 26.73 5.40
N GLY B 20 26.42 27.87 5.19
CA GLY B 20 26.25 28.57 3.93
C GLY B 20 26.82 27.85 2.72
N LEU B 21 28.07 27.40 2.82
CA LEU B 21 28.72 26.69 1.72
C LEU B 21 27.92 25.45 1.33
N LYS B 22 26.97 25.10 2.17
CA LYS B 22 26.12 23.95 1.92
C LYS B 22 24.95 24.32 1.01
N ASP B 23 24.12 25.26 1.46
CA ASP B 23 22.97 25.66 0.65
C ASP B 23 23.38 26.06 -0.75
N LEU B 24 24.60 26.59 -0.89
CA LEU B 24 25.10 26.99 -2.20
C LEU B 24 25.26 25.78 -3.13
N ALA B 25 25.91 24.74 -2.61
CA ALA B 25 26.13 23.53 -3.38
C ALA B 25 24.81 22.84 -3.69
N MET B 26 23.87 22.98 -2.77
CA MET B 26 22.57 22.36 -2.94
C MET B 26 21.71 23.10 -3.95
N ALA B 27 21.66 24.43 -3.85
CA ALA B 27 20.89 25.22 -4.81
C ALA B 27 21.40 24.79 -6.16
N ASP B 28 22.72 24.59 -6.22
CA ASP B 28 23.39 24.17 -7.42
C ASP B 28 22.95 22.78 -7.86
N LEU B 29 23.11 21.79 -6.98
CA LEU B 29 22.72 20.41 -7.27
C LEU B 29 21.26 20.30 -7.73
N GLU B 30 20.39 21.13 -7.16
CA GLU B 30 18.97 21.14 -7.53
C GLU B 30 18.83 21.51 -9.00
N GLN B 31 19.48 22.60 -9.40
CA GLN B 31 19.43 23.05 -10.78
C GLN B 31 19.89 21.90 -11.67
N LYS B 32 20.99 21.25 -11.29
CA LYS B 32 21.50 20.13 -12.06
C LYS B 32 20.44 19.03 -12.22
N VAL B 33 19.81 18.61 -11.12
CA VAL B 33 18.78 17.58 -11.20
C VAL B 33 17.63 17.98 -12.12
N LEU B 34 17.18 19.23 -12.01
CA LEU B 34 16.10 19.69 -12.88
C LEU B 34 16.48 19.61 -14.36
N GLU B 35 17.68 20.07 -14.70
CA GLU B 35 18.13 20.04 -16.09
C GLU B 35 18.14 18.61 -16.64
N MET B 36 18.68 17.68 -15.86
CA MET B 36 18.75 16.29 -16.24
C MET B 36 17.37 15.71 -16.48
N GLU B 37 16.40 16.17 -15.69
CA GLU B 37 15.03 15.71 -15.81
C GLU B 37 14.37 16.09 -17.14
N ALA B 38 14.80 17.19 -17.73
CA ALA B 38 14.21 17.66 -18.98
C ALA B 38 14.92 17.25 -20.26
N SER B 39 16.20 16.88 -20.17
CA SER B 39 16.97 16.53 -21.37
C SER B 39 16.58 15.24 -22.08
N THR B 40 16.80 15.26 -23.39
CA THR B 40 16.52 14.12 -24.25
C THR B 40 17.77 13.92 -25.09
N TYR B 41 17.90 12.75 -25.70
CA TYR B 41 19.07 12.46 -26.49
C TYR B 41 18.75 11.85 -27.84
N ASP B 42 17.74 12.39 -28.51
CA ASP B 42 17.34 11.91 -29.83
C ASP B 42 16.94 13.07 -30.76
N GLY B 43 17.32 14.29 -30.41
CA GLY B 43 17.00 15.44 -31.24
C GLY B 43 15.56 15.92 -31.16
N VAL B 44 14.73 15.25 -30.38
CA VAL B 44 13.33 15.65 -30.23
C VAL B 44 13.11 16.23 -28.84
N PHE B 45 12.56 17.43 -28.77
CA PHE B 45 12.34 18.11 -27.51
C PHE B 45 10.97 18.79 -27.38
N ILE B 46 10.26 18.51 -26.28
CA ILE B 46 8.97 19.12 -26.03
C ILE B 46 9.08 19.98 -24.76
N TRP B 47 8.88 21.28 -24.94
CA TRP B 47 8.99 22.24 -23.85
C TRP B 47 7.63 22.81 -23.44
N LYS B 48 7.27 22.54 -22.19
CA LYS B 48 6.01 23.04 -21.64
C LYS B 48 6.26 24.33 -20.89
N ILE B 49 5.58 25.39 -21.31
CA ILE B 49 5.73 26.69 -20.67
C ILE B 49 4.43 26.99 -19.91
N SER B 50 4.47 26.81 -18.59
CA SER B 50 3.33 27.05 -17.72
C SER B 50 3.30 28.50 -17.29
N ASP B 51 2.19 28.90 -16.68
CA ASP B 51 1.99 30.27 -16.22
C ASP B 51 2.20 31.21 -17.41
N PHE B 52 1.57 30.86 -18.52
CA PHE B 52 1.67 31.63 -19.76
C PHE B 52 1.20 33.07 -19.62
N ALA B 53 0.07 33.27 -18.96
CA ALA B 53 -0.49 34.60 -18.77
C ALA B 53 0.51 35.54 -18.09
N ARG B 54 1.07 35.10 -16.97
CA ARG B 54 2.04 35.89 -16.22
C ARG B 54 3.32 36.13 -17.04
N LYS B 55 3.84 35.08 -17.65
CA LYS B 55 5.06 35.20 -18.45
C LYS B 55 4.77 36.03 -19.70
N ARG B 56 3.52 35.99 -20.13
CA ARG B 56 3.07 36.74 -21.29
C ARG B 56 3.11 38.24 -20.95
N GLN B 57 2.75 38.57 -19.71
CA GLN B 57 2.76 39.95 -19.25
C GLN B 57 4.15 40.52 -19.03
N GLU B 58 4.98 39.76 -18.32
CA GLU B 58 6.36 40.18 -18.03
C GLU B 58 7.08 40.54 -19.34
N ALA B 59 6.68 39.91 -20.44
CA ALA B 59 7.28 40.18 -21.74
C ALA B 59 6.72 41.47 -22.36
N VAL B 60 5.43 41.71 -22.21
CA VAL B 60 4.84 42.94 -22.74
C VAL B 60 5.31 44.13 -21.93
N ALA B 61 5.37 43.96 -20.61
CA ALA B 61 5.81 45.02 -19.70
C ALA B 61 7.32 45.15 -19.69
N GLY B 62 7.98 44.47 -20.62
CA GLY B 62 9.43 44.55 -20.71
C GLY B 62 10.26 44.12 -19.51
N ARG B 63 9.62 43.56 -18.48
CA ARG B 63 10.36 43.11 -17.31
C ARG B 63 11.23 41.90 -17.67
N ILE B 64 10.64 40.94 -18.39
CA ILE B 64 11.37 39.74 -18.83
C ILE B 64 11.03 39.45 -20.30
N PRO B 65 11.85 39.98 -21.22
CA PRO B 65 11.68 39.82 -22.66
C PRO B 65 11.81 38.40 -23.19
N ALA B 66 12.84 37.67 -22.75
CA ALA B 66 13.10 36.32 -23.24
C ALA B 66 13.26 35.23 -22.18
N ILE B 67 13.09 33.98 -22.61
CA ILE B 67 13.22 32.82 -21.75
C ILE B 67 13.94 31.70 -22.49
N PHE B 68 14.93 31.10 -21.83
CA PHE B 68 15.66 29.97 -22.41
C PHE B 68 14.95 28.70 -21.94
N SER B 69 15.05 27.64 -22.73
CA SER B 69 14.47 26.36 -22.37
C SER B 69 15.62 25.51 -21.83
N PRO B 70 15.31 24.35 -21.21
CA PRO B 70 16.39 23.49 -20.70
C PRO B 70 17.10 22.92 -21.92
N ALA B 71 18.30 22.38 -21.72
CA ALA B 71 19.08 21.80 -22.83
C ALA B 71 18.72 20.36 -23.22
N PHE B 72 18.97 20.01 -24.49
CA PHE B 72 18.73 18.66 -24.98
C PHE B 72 19.81 18.32 -26.02
N TYR B 73 19.85 17.07 -26.47
CA TYR B 73 20.90 16.62 -27.38
C TYR B 73 20.48 15.84 -28.64
N THR B 74 21.37 15.83 -29.64
CA THR B 74 21.11 15.10 -30.89
C THR B 74 21.26 13.58 -30.69
N SER B 75 22.11 13.19 -29.74
CA SER B 75 22.34 11.78 -29.42
C SER B 75 23.02 11.71 -28.06
N ARG B 76 23.15 10.51 -27.49
CA ARG B 76 23.75 10.35 -26.18
C ARG B 76 25.01 11.20 -25.96
N TYR B 77 25.83 11.33 -27.00
CA TYR B 77 27.05 12.14 -26.93
C TYR B 77 27.11 13.16 -28.09
N GLY B 78 25.96 13.68 -28.50
CA GLY B 78 25.89 14.62 -29.61
C GLY B 78 25.97 16.10 -29.25
N TYR B 79 25.44 16.95 -30.12
CA TYR B 79 25.47 18.39 -29.86
C TYR B 79 24.51 18.75 -28.73
N LYS B 80 24.84 19.82 -28.01
CA LYS B 80 24.01 20.32 -26.92
C LYS B 80 23.28 21.56 -27.46
N MET B 81 21.97 21.63 -27.22
CA MET B 81 21.16 22.73 -27.72
C MET B 81 20.02 23.09 -26.78
N CYS B 82 19.55 24.33 -26.88
CA CYS B 82 18.42 24.77 -26.10
C CYS B 82 17.65 25.74 -26.99
N LEU B 83 16.51 26.21 -26.50
CA LEU B 83 15.70 27.15 -27.26
C LEU B 83 15.57 28.46 -26.48
N ARG B 84 15.16 29.52 -27.17
CA ARG B 84 14.94 30.80 -26.53
C ARG B 84 13.72 31.42 -27.18
N ILE B 85 12.78 31.90 -26.37
CA ILE B 85 11.56 32.48 -26.88
C ILE B 85 11.25 33.87 -26.37
N TYR B 86 10.72 34.71 -27.24
CA TYR B 86 10.31 36.07 -26.88
C TYR B 86 8.79 36.08 -26.96
N LEU B 87 8.13 35.95 -25.82
CA LEU B 87 6.68 35.92 -25.82
C LEU B 87 5.98 37.15 -26.41
N ASN B 88 6.73 38.19 -26.77
CA ASN B 88 6.11 39.37 -27.38
C ASN B 88 6.97 39.89 -28.55
N GLY B 89 7.66 38.97 -29.20
CA GLY B 89 8.47 39.34 -30.34
C GLY B 89 9.81 40.00 -30.16
N ASP B 90 10.66 39.76 -31.15
CA ASP B 90 12.01 40.29 -31.21
C ASP B 90 12.26 40.68 -32.65
N GLY B 91 13.12 41.69 -32.85
CA GLY B 91 13.44 42.14 -34.20
C GLY B 91 12.21 42.48 -35.01
N THR B 92 12.16 41.95 -36.23
CA THR B 92 11.04 42.19 -37.13
C THR B 92 9.74 41.66 -36.57
N GLY B 93 9.77 41.05 -35.39
CA GLY B 93 8.56 40.52 -34.79
C GLY B 93 8.20 41.17 -33.47
N ARG B 94 8.95 42.19 -33.10
CA ARG B 94 8.71 42.89 -31.84
C ARG B 94 7.28 43.39 -31.69
N GLY B 95 6.62 42.92 -30.64
CA GLY B 95 5.26 43.34 -30.35
C GLY B 95 4.14 42.75 -31.19
N THR B 96 4.48 42.05 -32.27
CA THR B 96 3.46 41.48 -33.12
C THR B 96 3.50 39.96 -33.20
N HIS B 97 4.70 39.40 -33.05
CA HIS B 97 4.81 37.95 -33.12
C HIS B 97 5.53 37.30 -31.95
N LEU B 98 5.38 35.99 -31.89
CA LEU B 98 6.03 35.20 -30.88
C LEU B 98 7.30 34.76 -31.62
N SER B 99 8.44 35.28 -31.18
CA SER B 99 9.74 34.96 -31.80
C SER B 99 10.40 33.78 -31.12
N LEU B 100 10.82 32.80 -31.91
CA LEU B 100 11.45 31.60 -31.36
C LEU B 100 12.81 31.33 -32.01
N PHE B 101 13.85 31.11 -31.19
CA PHE B 101 15.17 30.83 -31.74
C PHE B 101 15.81 29.52 -31.25
N PHE B 102 16.79 29.08 -32.03
CA PHE B 102 17.55 27.86 -31.76
C PHE B 102 18.90 28.28 -31.18
N VAL B 103 19.43 27.47 -30.26
CA VAL B 103 20.72 27.81 -29.65
C VAL B 103 21.71 26.65 -29.51
N VAL B 104 22.85 26.76 -30.20
CA VAL B 104 23.90 25.77 -30.11
C VAL B 104 24.66 26.06 -28.83
N MET B 105 24.88 25.04 -28.01
CA MET B 105 25.60 25.25 -26.76
C MET B 105 26.91 24.48 -26.74
N LYS B 106 27.79 24.84 -25.79
CA LYS B 106 29.07 24.17 -25.67
C LYS B 106 28.81 22.86 -24.96
N GLY B 107 29.01 21.74 -25.66
CA GLY B 107 28.78 20.44 -25.07
C GLY B 107 30.05 19.74 -24.66
N PRO B 108 29.95 18.71 -23.80
CA PRO B 108 31.05 17.92 -23.30
C PRO B 108 31.84 17.12 -24.33
N ASN B 109 31.25 16.93 -25.51
CA ASN B 109 31.85 16.14 -26.60
C ASN B 109 32.17 16.93 -27.86
N ASP B 110 31.99 18.24 -27.82
CA ASP B 110 32.22 19.08 -29.00
C ASP B 110 33.49 18.76 -29.80
N ALA B 111 34.59 18.49 -29.14
CA ALA B 111 35.84 18.17 -29.83
C ALA B 111 35.75 16.91 -30.70
N LEU B 112 34.69 16.12 -30.51
CA LEU B 112 34.49 14.89 -31.25
C LEU B 112 33.45 15.07 -32.33
N LEU B 113 32.93 16.28 -32.46
CA LEU B 113 31.89 16.56 -33.46
C LEU B 113 32.33 17.44 -34.63
N ARG B 114 31.61 17.33 -35.73
CA ARG B 114 31.92 18.11 -36.92
C ARG B 114 31.37 19.53 -36.82
N TRP B 115 32.15 20.49 -37.27
CA TRP B 115 31.71 21.88 -37.26
C TRP B 115 31.93 22.49 -38.63
N PRO B 116 31.08 23.47 -39.01
CA PRO B 116 29.96 24.02 -38.26
C PRO B 116 28.73 23.09 -38.16
N PHE B 117 27.83 23.40 -37.22
CA PHE B 117 26.60 22.63 -37.03
C PHE B 117 25.82 22.81 -38.33
N ASN B 118 25.36 21.73 -38.93
CA ASN B 118 24.67 21.86 -40.20
C ASN B 118 23.43 20.97 -40.35
N GLN B 119 22.67 20.86 -39.27
CA GLN B 119 21.47 20.04 -39.27
C GLN B 119 20.22 20.89 -39.47
N LYS B 120 19.22 20.33 -40.15
CA LYS B 120 17.96 21.03 -40.35
C LYS B 120 17.21 21.04 -39.01
N VAL B 121 16.51 22.12 -38.73
CA VAL B 121 15.77 22.23 -37.48
C VAL B 121 14.31 22.58 -37.75
N THR B 122 13.40 21.80 -37.18
CA THR B 122 11.98 22.05 -37.34
C THR B 122 11.34 22.50 -36.02
N LEU B 123 10.68 23.65 -36.02
CA LEU B 123 10.04 24.16 -34.81
C LEU B 123 8.51 24.18 -34.90
N MET B 124 7.84 23.80 -33.80
CA MET B 124 6.39 23.75 -33.78
C MET B 124 5.76 24.29 -32.50
N LEU B 125 4.58 24.89 -32.64
CA LEU B 125 3.77 25.39 -31.51
C LEU B 125 2.56 24.45 -31.56
N LEU B 126 2.51 23.49 -30.64
CA LEU B 126 1.45 22.50 -30.63
C LEU B 126 0.01 22.98 -30.37
N ASP B 127 -0.90 22.43 -31.15
CA ASP B 127 -2.32 22.72 -31.02
C ASP B 127 -2.85 21.62 -30.11
N GLN B 128 -3.26 22.00 -28.90
CA GLN B 128 -3.74 21.03 -27.92
C GLN B 128 -5.07 20.43 -28.34
N ASN B 129 -5.44 20.73 -29.58
CA ASN B 129 -6.67 20.25 -30.18
C ASN B 129 -6.27 19.47 -31.43
N ASN B 130 -4.97 19.17 -31.49
CA ASN B 130 -4.31 18.44 -32.57
C ASN B 130 -5.02 18.54 -33.91
N ARG B 131 -5.30 19.78 -34.31
CA ARG B 131 -5.97 20.04 -35.57
C ARG B 131 -5.00 20.76 -36.51
N GLU B 132 -4.38 21.82 -36.01
CA GLU B 132 -3.45 22.58 -36.82
C GLU B 132 -2.26 23.12 -36.04
N HIS B 133 -1.18 22.33 -35.99
CA HIS B 133 0.05 22.75 -35.30
C HIS B 133 0.77 23.80 -36.16
N VAL B 134 1.18 24.90 -35.55
CA VAL B 134 1.92 25.91 -36.29
C VAL B 134 3.33 25.32 -36.45
N ILE B 135 3.82 25.31 -37.69
CA ILE B 135 5.14 24.73 -37.94
C ILE B 135 6.01 25.59 -38.83
N ASP B 136 7.32 25.48 -38.63
CA ASP B 136 8.28 26.21 -39.43
C ASP B 136 9.62 25.49 -39.30
N ALA B 137 10.51 25.69 -40.27
CA ALA B 137 11.80 25.03 -40.25
C ALA B 137 12.87 25.86 -40.94
N PHE B 138 14.13 25.45 -40.78
CA PHE B 138 15.22 26.16 -41.40
C PHE B 138 16.49 25.33 -41.39
N ARG B 139 17.39 25.63 -42.32
CA ARG B 139 18.67 24.94 -42.36
C ARG B 139 19.67 26.00 -41.94
N PRO B 140 20.72 25.59 -41.22
CA PRO B 140 21.75 26.51 -40.75
C PRO B 140 22.57 27.11 -41.87
N ASP B 141 22.96 28.37 -41.68
CA ASP B 141 23.81 29.05 -42.65
C ASP B 141 25.24 28.74 -42.23
N VAL B 142 25.81 27.72 -42.85
CA VAL B 142 27.16 27.26 -42.58
C VAL B 142 28.15 28.38 -42.35
N THR B 143 27.82 29.58 -42.81
CA THR B 143 28.74 30.71 -42.64
C THR B 143 28.43 31.58 -41.42
N SER B 144 27.24 31.43 -40.85
CA SER B 144 26.89 32.22 -39.66
C SER B 144 27.72 31.78 -38.47
N SER B 145 27.81 32.61 -37.44
CA SER B 145 28.61 32.26 -36.27
C SER B 145 27.76 31.54 -35.23
N SER B 146 26.49 31.34 -35.54
CA SER B 146 25.59 30.65 -34.61
C SER B 146 25.90 29.16 -34.62
N PHE B 147 26.32 28.66 -35.77
CA PHE B 147 26.58 27.23 -35.90
C PHE B 147 28.05 26.81 -35.91
N GLN B 148 28.92 27.67 -35.37
CA GLN B 148 30.33 27.38 -35.29
C GLN B 148 30.64 26.79 -33.92
N ARG B 149 31.68 25.97 -33.81
CA ARG B 149 32.00 25.36 -32.52
C ARG B 149 32.05 26.40 -31.41
N PRO B 150 31.29 26.18 -30.35
CA PRO B 150 31.19 27.06 -29.18
C PRO B 150 32.50 27.41 -28.48
N VAL B 151 32.72 28.70 -28.29
CA VAL B 151 33.88 29.19 -27.57
C VAL B 151 33.25 29.59 -26.25
N ASN B 152 32.01 30.04 -26.36
CA ASN B 152 31.21 30.48 -25.23
C ASN B 152 30.21 29.39 -24.87
N ASP B 153 29.59 29.53 -23.70
CA ASP B 153 28.59 28.58 -23.24
C ASP B 153 27.51 28.42 -24.29
N MET B 154 27.13 29.54 -24.92
CA MET B 154 26.11 29.57 -25.96
C MET B 154 26.57 30.44 -27.11
N ASN B 155 26.28 30.03 -28.35
CA ASN B 155 26.63 30.88 -29.50
C ASN B 155 25.47 31.87 -29.67
N ILE B 156 25.50 32.67 -30.73
CA ILE B 156 24.42 33.61 -30.94
C ILE B 156 23.22 32.81 -31.46
N ALA B 157 22.06 33.09 -30.91
CA ALA B 157 20.83 32.42 -31.30
C ALA B 157 20.31 32.87 -32.66
N SER B 158 19.59 31.99 -33.33
CA SER B 158 19.02 32.32 -34.64
C SER B 158 17.85 31.38 -34.86
N GLY B 159 16.84 31.84 -35.59
CA GLY B 159 15.70 31.00 -35.84
C GLY B 159 14.59 31.67 -36.62
N CYS B 160 13.46 31.91 -35.97
CA CYS B 160 12.31 32.51 -36.63
C CYS B 160 11.72 33.68 -35.85
N PRO B 161 12.10 34.91 -36.20
CA PRO B 161 11.57 36.10 -35.52
C PRO B 161 10.06 36.25 -35.71
N LEU B 162 9.54 35.76 -36.82
CA LEU B 162 8.11 35.85 -37.11
C LEU B 162 7.50 34.45 -37.10
N PHE B 163 7.78 33.71 -36.03
CA PHE B 163 7.31 32.34 -35.88
C PHE B 163 5.79 32.20 -35.79
N CYS B 164 5.14 33.09 -35.05
CA CYS B 164 3.69 33.02 -34.88
C CYS B 164 3.12 34.35 -34.43
N PRO B 165 1.99 34.77 -35.02
CA PRO B 165 1.33 36.03 -34.67
C PRO B 165 0.76 35.97 -33.26
N VAL B 166 0.91 37.04 -32.49
CA VAL B 166 0.40 37.08 -31.13
C VAL B 166 -1.10 36.89 -31.05
N SER B 167 -1.85 37.68 -31.80
CA SER B 167 -3.31 37.60 -31.81
C SER B 167 -3.79 36.16 -31.87
N LYS B 168 -2.95 35.29 -32.40
CA LYS B 168 -3.28 33.89 -32.53
C LYS B 168 -3.22 33.19 -31.18
N MET B 169 -3.02 33.98 -30.12
CA MET B 169 -2.92 33.46 -28.76
C MET B 169 -3.85 34.27 -27.85
N GLU B 170 -3.63 35.58 -27.85
CA GLU B 170 -4.38 36.54 -27.02
C GLU B 170 -5.88 36.60 -27.27
N ALA B 171 -6.46 35.52 -27.79
CA ALA B 171 -7.88 35.46 -28.04
C ALA B 171 -8.38 34.08 -27.62
N LYS B 172 -9.37 33.57 -28.34
CA LYS B 172 -9.91 32.24 -28.06
C LYS B 172 -9.16 31.27 -28.98
N ASN B 173 -8.24 30.49 -28.41
CA ASN B 173 -7.49 29.55 -29.22
C ASN B 173 -7.28 28.20 -28.55
N SER B 174 -6.62 27.32 -29.29
CA SER B 174 -6.33 25.97 -28.83
C SER B 174 -4.83 25.72 -28.61
N TYR B 175 -4.06 26.79 -28.56
CA TYR B 175 -2.62 26.69 -28.32
C TYR B 175 -2.37 26.93 -26.85
N VAL B 176 -3.28 27.68 -26.23
CA VAL B 176 -3.17 27.96 -24.81
C VAL B 176 -4.30 27.23 -24.10
N ARG B 177 -3.93 26.23 -23.31
CA ARG B 177 -4.87 25.43 -22.54
C ARG B 177 -4.30 25.37 -21.13
N ASP B 178 -5.16 25.44 -20.12
CA ASP B 178 -4.72 25.41 -18.73
C ASP B 178 -3.55 26.35 -18.49
N ASP B 179 -3.58 27.51 -19.12
CA ASP B 179 -2.53 28.53 -18.98
C ASP B 179 -1.09 28.02 -19.27
N ALA B 180 -0.97 27.22 -20.32
CA ALA B 180 0.33 26.69 -20.72
C ALA B 180 0.30 26.33 -22.20
N ILE B 181 1.46 26.43 -22.85
CA ILE B 181 1.58 26.09 -24.26
C ILE B 181 2.70 25.05 -24.38
N PHE B 182 2.75 24.34 -25.50
CA PHE B 182 3.80 23.36 -25.73
C PHE B 182 4.60 23.66 -26.98
N ILE B 183 5.90 23.86 -26.83
CA ILE B 183 6.75 24.13 -27.97
C ILE B 183 7.48 22.83 -28.27
N LYS B 184 7.61 22.47 -29.53
CA LYS B 184 8.31 21.25 -29.88
C LYS B 184 9.41 21.53 -30.90
N ALA B 185 10.53 20.82 -30.78
CA ALA B 185 11.65 20.99 -31.71
C ALA B 185 12.16 19.63 -32.17
N ILE B 186 12.41 19.52 -33.46
CA ILE B 186 12.91 18.28 -34.04
C ILE B 186 14.16 18.57 -34.88
N VAL B 187 15.31 18.07 -34.43
CA VAL B 187 16.54 18.28 -35.15
C VAL B 187 16.77 17.10 -36.09
N ASP B 188 16.77 17.36 -37.39
CA ASP B 188 16.99 16.29 -38.36
C ASP B 188 18.35 15.66 -38.09
N LEU B 189 18.39 14.34 -38.05
CA LEU B 189 19.63 13.61 -37.73
C LEU B 189 20.38 13.05 -38.94
N THR B 190 19.99 13.46 -40.14
CA THR B 190 20.65 13.00 -41.35
C THR B 190 22.15 13.20 -41.32
N GLY B 191 22.89 12.12 -41.59
CA GLY B 191 24.33 12.21 -41.60
C GLY B 191 25.02 12.09 -40.25
N LEU B 192 24.24 11.83 -39.20
CA LEU B 192 24.81 11.68 -37.87
C LEU B 192 24.65 10.22 -37.41
N GLN C 2 25.86 28.78 35.83
CA GLN C 2 26.73 28.45 34.66
C GLN C 2 26.04 27.45 33.73
N ASP C 3 24.78 27.13 34.04
CA ASP C 3 24.01 26.18 33.23
C ASP C 3 23.59 26.79 31.90
N LYS C 4 23.48 28.11 31.87
CA LYS C 4 23.10 28.80 30.64
C LYS C 4 24.19 28.58 29.58
N ILE C 5 25.42 28.92 29.92
CA ILE C 5 26.55 28.76 29.01
C ILE C 5 26.78 27.30 28.62
N GLU C 6 26.62 26.41 29.60
CA GLU C 6 26.80 24.98 29.38
C GLU C 6 25.80 24.44 28.38
N ALA C 7 24.55 24.88 28.54
CA ALA C 7 23.48 24.47 27.65
C ALA C 7 23.82 24.91 26.23
N LEU C 8 24.25 26.16 26.11
CA LEU C 8 24.63 26.75 24.82
C LEU C 8 25.77 25.96 24.18
N SER C 9 26.86 25.85 24.91
CA SER C 9 28.03 25.12 24.44
C SER C 9 27.60 23.77 23.86
N SER C 10 26.89 22.98 24.66
CA SER C 10 26.44 21.65 24.23
C SER C 10 25.49 21.69 23.03
N LYS C 11 24.71 22.76 22.92
CA LYS C 11 23.77 22.93 21.82
C LYS C 11 24.54 23.10 20.51
N VAL C 12 25.52 24.00 20.52
CA VAL C 12 26.34 24.26 19.35
C VAL C 12 27.06 22.99 18.91
N GLN C 13 27.51 22.20 19.87
CA GLN C 13 28.22 20.95 19.60
C GLN C 13 27.40 19.93 18.80
N GLN C 14 26.16 19.68 19.23
CA GLN C 14 25.28 18.74 18.54
C GLN C 14 24.84 19.32 17.20
N LEU C 15 24.79 20.65 17.15
CA LEU C 15 24.38 21.38 15.96
C LEU C 15 25.48 21.21 14.91
N GLU C 16 26.71 21.41 15.35
CA GLU C 16 27.88 21.26 14.48
C GLU C 16 27.90 19.83 13.93
N ARG C 17 27.72 18.87 14.83
CA ARG C 17 27.73 17.47 14.44
C ARG C 17 26.66 17.17 13.39
N SER C 18 25.51 17.85 13.47
CA SER C 18 24.46 17.60 12.49
C SER C 18 24.88 18.11 11.13
N ILE C 19 25.41 19.32 11.07
CA ILE C 19 25.86 19.89 9.79
C ILE C 19 26.82 18.88 9.15
N GLY C 20 27.66 18.27 9.98
CA GLY C 20 28.61 17.31 9.47
C GLY C 20 27.90 16.16 8.79
N LEU C 21 26.77 15.75 9.35
CA LEU C 21 26.01 14.66 8.77
C LEU C 21 25.35 15.10 7.48
N LYS C 22 24.88 16.34 7.45
CA LYS C 22 24.24 16.86 6.25
C LYS C 22 25.25 16.85 5.12
N ASP C 23 26.51 17.10 5.46
CA ASP C 23 27.61 17.13 4.49
C ASP C 23 27.82 15.77 3.82
N LEU C 24 27.82 14.72 4.63
CA LEU C 24 28.01 13.36 4.13
C LEU C 24 26.85 12.94 3.23
N ALA C 25 25.64 13.27 3.64
CA ALA C 25 24.47 12.93 2.85
C ALA C 25 24.53 13.72 1.55
N MET C 26 24.85 15.01 1.64
CA MET C 26 24.94 15.87 0.46
C MET C 26 25.94 15.30 -0.55
N ALA C 27 27.13 15.00 -0.08
CA ALA C 27 28.15 14.47 -0.96
C ALA C 27 27.68 13.13 -1.53
N ASP C 28 27.06 12.31 -0.69
CA ASP C 28 26.57 11.01 -1.12
C ASP C 28 25.53 11.17 -2.22
N LEU C 29 24.74 12.22 -2.12
CA LEU C 29 23.70 12.48 -3.11
C LEU C 29 24.28 13.02 -4.43
N GLU C 30 25.34 13.83 -4.34
CA GLU C 30 25.95 14.38 -5.55
C GLU C 30 26.61 13.28 -6.37
N GLN C 31 27.20 12.31 -5.68
CA GLN C 31 27.87 11.20 -6.34
C GLN C 31 26.82 10.43 -7.11
N LYS C 32 25.69 10.18 -6.44
CA LYS C 32 24.56 9.48 -7.03
C LYS C 32 24.17 10.18 -8.34
N VAL C 33 23.87 11.46 -8.23
CA VAL C 33 23.46 12.26 -9.40
C VAL C 33 24.47 12.23 -10.55
N LEU C 34 25.76 12.33 -10.22
CA LEU C 34 26.79 12.30 -11.24
C LEU C 34 26.79 10.96 -11.96
N GLU C 35 26.46 9.90 -11.23
CA GLU C 35 26.42 8.55 -11.80
C GLU C 35 25.19 8.31 -12.68
N MET C 36 24.06 8.89 -12.29
CA MET C 36 22.85 8.75 -13.10
C MET C 36 23.11 9.47 -14.42
N GLU C 37 23.74 10.63 -14.33
CA GLU C 37 24.07 11.45 -15.47
C GLU C 37 24.99 10.81 -16.51
N ALA C 38 25.91 9.96 -16.05
CA ALA C 38 26.85 9.31 -16.97
C ALA C 38 26.42 7.94 -17.47
N SER C 39 25.49 7.30 -16.76
CA SER C 39 25.05 5.95 -17.12
C SER C 39 24.32 5.82 -18.43
N THR C 40 24.55 4.70 -19.11
CA THR C 40 23.88 4.42 -20.37
C THR C 40 23.36 2.98 -20.26
N TYR C 41 22.37 2.63 -21.06
CA TYR C 41 21.81 1.30 -20.98
C TYR C 41 21.75 0.52 -22.27
N ASP C 42 22.75 0.68 -23.14
CA ASP C 42 22.79 -0.06 -24.39
C ASP C 42 24.15 -0.66 -24.71
N GLY C 43 24.98 -0.83 -23.67
CA GLY C 43 26.29 -1.43 -23.85
C GLY C 43 27.37 -0.56 -24.46
N VAL C 44 27.06 0.73 -24.66
CA VAL C 44 28.00 1.68 -25.24
C VAL C 44 28.23 2.84 -24.28
N PHE C 45 29.48 3.01 -23.87
CA PHE C 45 29.85 4.05 -22.93
C PHE C 45 31.05 4.87 -23.40
N ILE C 46 30.97 6.19 -23.23
CA ILE C 46 32.08 7.06 -23.57
C ILE C 46 32.53 7.80 -22.32
N TRP C 47 33.70 7.44 -21.81
CA TRP C 47 34.28 8.03 -20.61
C TRP C 47 35.25 9.17 -20.92
N LYS C 48 34.89 10.36 -20.47
CA LYS C 48 35.74 11.52 -20.68
C LYS C 48 36.56 11.81 -19.42
N ILE C 49 37.88 11.73 -19.55
CA ILE C 49 38.73 12.04 -18.42
C ILE C 49 39.28 13.45 -18.58
N SER C 50 38.81 14.35 -17.72
CA SER C 50 39.26 15.74 -17.75
C SER C 50 40.42 15.95 -16.79
N ASP C 51 41.11 17.08 -16.91
CA ASP C 51 42.25 17.36 -16.04
C ASP C 51 43.24 16.22 -16.19
N PHE C 52 43.47 15.81 -17.43
CA PHE C 52 44.38 14.72 -17.75
C PHE C 52 45.79 14.90 -17.19
N ALA C 53 46.39 16.07 -17.45
CA ALA C 53 47.74 16.36 -16.98
C ALA C 53 47.85 16.21 -15.48
N ARG C 54 46.91 16.81 -14.75
CA ARG C 54 46.95 16.71 -13.32
C ARG C 54 46.80 15.25 -12.87
N LYS C 55 45.87 14.52 -13.49
CA LYS C 55 45.67 13.12 -13.14
C LYS C 55 46.83 12.25 -13.59
N ARG C 56 47.44 12.63 -14.70
CA ARG C 56 48.57 11.88 -15.22
C ARG C 56 49.74 12.04 -14.26
N GLN C 57 49.81 13.19 -13.61
CA GLN C 57 50.89 13.48 -12.70
C GLN C 57 50.73 12.81 -11.34
N GLU C 58 49.48 12.68 -10.88
CA GLU C 58 49.19 12.05 -9.59
C GLU C 58 49.50 10.55 -9.72
N ALA C 59 49.41 10.04 -10.93
CA ALA C 59 49.69 8.64 -11.19
C ALA C 59 51.20 8.38 -11.16
N VAL C 60 51.97 9.24 -11.83
CA VAL C 60 53.43 9.07 -11.87
C VAL C 60 53.99 9.17 -10.45
N ALA C 61 53.47 10.10 -9.68
CA ALA C 61 53.91 10.31 -8.30
C ALA C 61 53.36 9.21 -7.38
N GLY C 62 52.52 8.34 -7.93
CA GLY C 62 51.95 7.28 -7.12
C GLY C 62 50.95 7.74 -6.07
N ARG C 63 50.51 8.98 -6.16
CA ARG C 63 49.54 9.52 -5.21
C ARG C 63 48.16 8.93 -5.45
N ILE C 64 47.83 8.71 -6.72
CA ILE C 64 46.59 8.09 -7.12
C ILE C 64 46.87 7.25 -8.35
N PRO C 65 47.17 5.96 -8.14
CA PRO C 65 47.49 4.95 -9.14
C PRO C 65 46.42 4.64 -10.17
N ALA C 66 45.19 4.41 -9.71
CA ALA C 66 44.12 4.07 -10.63
C ALA C 66 42.85 4.89 -10.41
N ILE C 67 41.98 4.91 -11.42
CA ILE C 67 40.73 5.65 -11.35
C ILE C 67 39.58 4.80 -11.90
N PHE C 68 38.40 4.85 -11.26
CA PHE C 68 37.24 4.12 -11.77
C PHE C 68 36.34 5.08 -12.54
N SER C 69 35.68 4.55 -13.57
CA SER C 69 34.75 5.35 -14.36
C SER C 69 33.36 5.07 -13.75
N PRO C 70 32.38 5.92 -14.06
CA PRO C 70 31.03 5.69 -13.52
C PRO C 70 30.53 4.38 -14.16
N ALA C 71 29.37 3.90 -13.74
CA ALA C 71 28.83 2.65 -14.27
C ALA C 71 27.90 2.82 -15.46
N PHE C 72 27.76 1.74 -16.24
CA PHE C 72 26.86 1.67 -17.39
C PHE C 72 26.29 0.26 -17.43
N TYR C 73 25.26 0.03 -18.25
CA TYR C 73 24.62 -1.28 -18.33
C TYR C 73 24.39 -1.83 -19.74
N THR C 74 24.21 -3.15 -19.86
CA THR C 74 23.97 -3.77 -21.18
C THR C 74 22.54 -3.56 -21.68
N SER C 75 21.62 -3.32 -20.74
CA SER C 75 20.22 -3.07 -21.05
C SER C 75 19.64 -2.39 -19.80
N ARG C 76 18.44 -1.81 -19.91
CA ARG C 76 17.84 -1.12 -18.78
C ARG C 76 17.92 -1.92 -17.49
N TYR C 77 17.87 -3.25 -17.59
CA TYR C 77 17.98 -4.11 -16.42
C TYR C 77 19.03 -5.20 -16.58
N GLY C 78 20.10 -4.89 -17.34
CA GLY C 78 21.16 -5.86 -17.56
C GLY C 78 22.30 -5.79 -16.58
N TYR C 79 23.49 -6.26 -17.00
CA TYR C 79 24.66 -6.24 -16.13
C TYR C 79 25.16 -4.82 -15.85
N LYS C 80 25.77 -4.67 -14.69
CA LYS C 80 26.33 -3.40 -14.27
C LYS C 80 27.84 -3.54 -14.43
N MET C 81 28.47 -2.55 -15.07
CA MET C 81 29.89 -2.60 -15.32
C MET C 81 30.50 -1.21 -15.21
N CYS C 82 31.80 -1.15 -14.99
CA CYS C 82 32.50 0.13 -14.98
C CYS C 82 33.91 -0.14 -15.51
N LEU C 83 34.70 0.91 -15.70
CA LEU C 83 36.07 0.73 -16.18
C LEU C 83 37.07 1.25 -15.16
N ARG C 84 38.30 0.76 -15.24
CA ARG C 84 39.34 1.20 -14.33
C ARG C 84 40.60 1.45 -15.14
N ILE C 85 41.24 2.58 -14.89
CA ILE C 85 42.45 2.87 -15.63
C ILE C 85 43.64 3.31 -14.76
N TYR C 86 44.83 2.90 -15.19
CA TYR C 86 46.07 3.27 -14.51
C TYR C 86 46.78 4.13 -15.55
N LEU C 87 46.83 5.42 -15.31
CA LEU C 87 47.46 6.34 -16.25
C LEU C 87 48.96 6.15 -16.39
N ASN C 88 49.57 5.45 -15.44
CA ASN C 88 51.01 5.21 -15.51
C ASN C 88 51.33 3.73 -15.50
N GLY C 89 50.36 2.92 -15.89
CA GLY C 89 50.56 1.48 -15.97
C GLY C 89 50.39 0.63 -14.74
N ASP C 90 50.17 -0.66 -14.99
CA ASP C 90 49.98 -1.66 -13.95
C ASP C 90 50.51 -2.99 -14.50
N GLY C 91 51.04 -3.83 -13.61
CA GLY C 91 51.55 -5.12 -14.06
C GLY C 91 52.63 -5.02 -15.12
N THR C 92 52.46 -5.75 -16.22
CA THR C 92 53.44 -5.74 -17.30
C THR C 92 53.61 -4.37 -17.96
N GLY C 93 52.71 -3.43 -17.64
CA GLY C 93 52.81 -2.12 -18.24
C GLY C 93 53.17 -1.00 -17.28
N ARG C 94 53.43 -1.37 -16.04
CA ARG C 94 53.79 -0.40 -15.02
C ARG C 94 54.89 0.52 -15.49
N GLY C 95 54.64 1.82 -15.41
CA GLY C 95 55.61 2.82 -15.81
C GLY C 95 55.79 3.03 -17.29
N THR C 96 55.27 2.11 -18.11
CA THR C 96 55.42 2.25 -19.56
C THR C 96 54.13 2.39 -20.33
N HIS C 97 53.07 1.72 -19.86
CA HIS C 97 51.79 1.78 -20.57
C HIS C 97 50.61 2.26 -19.77
N LEU C 98 49.61 2.70 -20.50
CA LEU C 98 48.36 3.14 -19.93
C LEU C 98 47.58 1.81 -19.89
N SER C 99 47.28 1.33 -18.70
CA SER C 99 46.57 0.05 -18.52
C SER C 99 45.09 0.28 -18.28
N LEU C 100 44.26 -0.29 -19.16
CA LEU C 100 42.81 -0.14 -19.08
C LEU C 100 42.13 -1.45 -18.76
N PHE C 101 41.28 -1.47 -17.74
CA PHE C 101 40.56 -2.69 -17.39
C PHE C 101 39.05 -2.59 -17.37
N PHE C 102 38.38 -3.74 -17.46
CA PHE C 102 36.93 -3.84 -17.46
C PHE C 102 36.54 -4.40 -16.08
N VAL C 103 35.40 -3.99 -15.55
CA VAL C 103 34.96 -4.47 -14.25
C VAL C 103 33.49 -4.83 -14.19
N VAL C 104 33.20 -6.06 -13.78
CA VAL C 104 31.82 -6.51 -13.62
C VAL C 104 31.43 -6.16 -12.19
N MET C 105 30.38 -5.35 -12.05
CA MET C 105 29.91 -4.93 -10.74
C MET C 105 28.66 -5.71 -10.31
N LYS C 106 28.28 -5.55 -9.06
CA LYS C 106 27.09 -6.19 -8.54
C LYS C 106 25.89 -5.32 -8.92
N GLY C 107 25.09 -5.78 -9.87
CA GLY C 107 23.92 -5.02 -10.29
C GLY C 107 22.67 -5.43 -9.54
N PRO C 108 21.66 -4.56 -9.49
CA PRO C 108 20.38 -4.78 -8.81
C PRO C 108 19.53 -5.93 -9.37
N ASN C 109 19.89 -6.43 -10.55
CA ASN C 109 19.12 -7.50 -11.19
C ASN C 109 19.93 -8.74 -11.48
N ASP C 110 21.09 -8.88 -10.84
CA ASP C 110 21.97 -10.02 -11.08
C ASP C 110 21.32 -11.41 -10.99
N ALA C 111 20.26 -11.52 -10.20
CA ALA C 111 19.55 -12.79 -10.05
C ALA C 111 18.73 -13.17 -11.28
N LEU C 112 18.52 -12.22 -12.17
CA LEU C 112 17.75 -12.48 -13.39
C LEU C 112 18.67 -12.75 -14.58
N LEU C 113 19.97 -12.54 -14.37
CA LEU C 113 20.97 -12.70 -15.42
C LEU C 113 21.72 -14.02 -15.45
N ARG C 114 22.23 -14.37 -16.63
CA ARG C 114 23.00 -15.60 -16.81
C ARG C 114 24.46 -15.41 -16.42
N TRP C 115 24.99 -16.37 -15.67
CA TRP C 115 26.38 -16.27 -15.27
C TRP C 115 27.14 -17.54 -15.66
N PRO C 116 28.43 -17.42 -15.92
CA PRO C 116 29.26 -16.21 -15.87
C PRO C 116 29.01 -15.21 -17.02
N PHE C 117 29.58 -14.01 -16.88
CA PHE C 117 29.48 -12.95 -17.89
C PHE C 117 30.24 -13.47 -19.11
N ASN C 118 29.59 -13.48 -20.27
CA ASN C 118 30.22 -14.02 -21.47
C ASN C 118 30.06 -13.16 -22.74
N GLN C 119 30.13 -11.84 -22.59
CA GLN C 119 29.98 -10.94 -23.73
C GLN C 119 31.30 -10.34 -24.21
N LYS C 120 31.46 -10.21 -25.52
CA LYS C 120 32.70 -9.64 -26.06
C LYS C 120 32.77 -8.16 -25.69
N VAL C 121 33.95 -7.71 -25.29
CA VAL C 121 34.15 -6.33 -24.90
C VAL C 121 35.21 -5.66 -25.77
N THR C 122 34.88 -4.51 -26.34
CA THR C 122 35.84 -3.75 -27.16
C THR C 122 36.15 -2.44 -26.45
N LEU C 123 37.42 -2.07 -26.44
CA LEU C 123 37.88 -0.86 -25.77
C LEU C 123 38.65 0.07 -26.70
N MET C 124 38.38 1.37 -26.59
CA MET C 124 39.02 2.34 -27.46
C MET C 124 39.52 3.63 -26.83
N LEU C 125 40.65 4.11 -27.35
CA LEU C 125 41.20 5.40 -26.94
C LEU C 125 40.83 6.17 -28.21
N LEU C 126 39.94 7.14 -28.10
CA LEU C 126 39.53 7.89 -29.27
C LEU C 126 40.50 8.95 -29.72
N ASP C 127 40.77 8.97 -31.02
CA ASP C 127 41.64 9.97 -31.60
C ASP C 127 40.70 11.13 -31.88
N GLN C 128 40.99 12.28 -31.29
CA GLN C 128 40.11 13.43 -31.48
C GLN C 128 40.18 14.06 -32.88
N ASN C 129 40.93 13.41 -33.77
CA ASN C 129 41.04 13.85 -35.16
C ASN C 129 40.23 12.83 -35.98
N ASN C 130 39.78 11.80 -35.27
CA ASN C 130 38.98 10.73 -35.83
C ASN C 130 39.69 9.97 -36.95
N ARG C 131 41.01 10.01 -36.93
CA ARG C 131 41.80 9.34 -37.94
C ARG C 131 42.17 7.92 -37.53
N GLU C 132 42.96 7.78 -36.47
CA GLU C 132 43.37 6.44 -36.04
C GLU C 132 43.18 6.22 -34.56
N HIS C 133 42.12 5.47 -34.22
CA HIS C 133 41.81 5.16 -32.82
C HIS C 133 42.63 3.97 -32.35
N VAL C 134 42.96 3.96 -31.06
CA VAL C 134 43.68 2.83 -30.51
C VAL C 134 42.55 1.92 -30.08
N ILE C 135 42.50 0.73 -30.64
CA ILE C 135 41.44 -0.19 -30.30
C ILE C 135 41.92 -1.61 -30.00
N ASP C 136 41.22 -2.26 -29.08
CA ASP C 136 41.55 -3.63 -28.69
C ASP C 136 40.25 -4.28 -28.21
N ALA C 137 40.22 -5.60 -28.13
CA ALA C 137 39.02 -6.31 -27.68
C ALA C 137 39.37 -7.64 -27.03
N PHE C 138 38.39 -8.26 -26.38
CA PHE C 138 38.62 -9.54 -25.74
C PHE C 138 37.32 -10.26 -25.42
N ARG C 139 37.39 -11.59 -25.36
CA ARG C 139 36.23 -12.39 -24.99
C ARG C 139 36.54 -12.89 -23.59
N PRO C 140 35.57 -12.79 -22.67
CA PRO C 140 35.77 -13.23 -21.29
C PRO C 140 36.18 -14.68 -21.13
N ASP C 141 37.10 -14.91 -20.19
CA ASP C 141 37.55 -16.26 -19.88
C ASP C 141 36.52 -16.77 -18.88
N VAL C 142 35.61 -17.60 -19.38
CA VAL C 142 34.53 -18.16 -18.56
C VAL C 142 34.97 -18.76 -17.23
N THR C 143 36.20 -19.28 -17.17
CA THR C 143 36.69 -19.91 -15.95
C THR C 143 37.25 -18.91 -14.94
N SER C 144 37.51 -17.69 -15.39
CA SER C 144 38.06 -16.65 -14.51
C SER C 144 37.07 -16.10 -13.48
N SER C 145 37.64 -15.63 -12.38
CA SER C 145 36.91 -15.05 -11.26
C SER C 145 36.28 -13.71 -11.60
N SER C 146 36.80 -13.07 -12.64
CA SER C 146 36.31 -11.77 -13.09
C SER C 146 34.88 -11.79 -13.60
N PHE C 147 34.47 -12.90 -14.21
CA PHE C 147 33.15 -12.96 -14.79
C PHE C 147 32.09 -13.82 -14.09
N GLN C 148 32.29 -14.10 -12.81
CA GLN C 148 31.32 -14.90 -12.06
C GLN C 148 30.34 -13.95 -11.41
N ARG C 149 29.17 -14.44 -11.01
CA ARG C 149 28.22 -13.55 -10.37
C ARG C 149 28.90 -12.93 -9.16
N PRO C 150 28.82 -11.62 -9.03
CA PRO C 150 29.41 -10.84 -7.94
C PRO C 150 28.91 -11.10 -6.53
N VAL C 151 29.86 -11.29 -5.61
CA VAL C 151 29.53 -11.50 -4.20
C VAL C 151 29.84 -10.15 -3.55
N ASN C 152 30.92 -9.53 -4.00
CA ASN C 152 31.33 -8.21 -3.52
C ASN C 152 30.80 -7.17 -4.48
N ASP C 153 31.10 -5.89 -4.23
CA ASP C 153 30.62 -4.84 -5.11
C ASP C 153 31.25 -4.90 -6.51
N MET C 154 32.50 -5.31 -6.56
CA MET C 154 33.19 -5.40 -7.85
C MET C 154 34.01 -6.68 -7.91
N ASN C 155 34.00 -7.35 -9.05
CA ASN C 155 34.82 -8.54 -9.19
C ASN C 155 36.23 -8.03 -9.52
N ILE C 156 37.19 -8.95 -9.57
CA ILE C 156 38.56 -8.60 -9.89
C ILE C 156 38.57 -8.15 -11.33
N ALA C 157 39.16 -6.98 -11.57
CA ALA C 157 39.23 -6.41 -12.92
C ALA C 157 40.17 -7.14 -13.85
N SER C 158 39.84 -7.15 -15.14
CA SER C 158 40.69 -7.77 -16.14
C SER C 158 40.56 -6.94 -17.41
N GLY C 159 41.59 -6.98 -18.26
CA GLY C 159 41.54 -6.22 -19.50
C GLY C 159 42.81 -6.11 -20.34
N CYS C 160 43.40 -4.93 -20.38
CA CYS C 160 44.59 -4.68 -21.18
C CYS C 160 45.71 -3.93 -20.46
N PRO C 161 46.69 -4.68 -19.90
CA PRO C 161 47.82 -4.10 -19.18
C PRO C 161 48.68 -3.21 -20.09
N LEU C 162 48.71 -3.56 -21.37
CA LEU C 162 49.51 -2.82 -22.36
C LEU C 162 48.60 -2.19 -23.42
N PHE C 163 47.54 -1.53 -22.98
CA PHE C 163 46.61 -0.90 -23.87
C PHE C 163 47.22 0.18 -24.77
N CYS C 164 48.00 1.09 -24.19
CA CYS C 164 48.60 2.14 -24.98
C CYS C 164 49.88 2.69 -24.37
N PRO C 165 50.93 2.85 -25.18
CA PRO C 165 52.23 3.36 -24.75
C PRO C 165 52.14 4.79 -24.22
N VAL C 166 52.77 5.04 -23.08
CA VAL C 166 52.77 6.35 -22.48
C VAL C 166 53.37 7.43 -23.36
N SER C 167 54.50 7.12 -24.01
CA SER C 167 55.15 8.09 -24.87
C SER C 167 54.23 8.56 -25.99
N LYS C 168 53.24 7.75 -26.30
CA LYS C 168 52.30 8.05 -27.37
C LYS C 168 51.38 9.20 -26.96
N MET C 169 51.60 9.72 -25.76
CA MET C 169 50.78 10.82 -25.25
C MET C 169 51.60 11.94 -24.62
N GLU C 170 52.73 11.58 -24.03
CA GLU C 170 53.60 12.58 -23.40
C GLU C 170 54.34 13.37 -24.44
N ALA C 171 53.82 13.36 -25.66
CA ALA C 171 54.42 14.09 -26.77
C ALA C 171 53.30 14.76 -27.55
N LYS C 172 53.60 15.21 -28.75
CA LYS C 172 52.60 15.86 -29.59
C LYS C 172 51.68 14.78 -30.16
N ASN C 173 50.44 14.74 -29.70
CA ASN C 173 49.49 13.74 -30.18
C ASN C 173 48.10 14.33 -30.35
N SER C 174 47.17 13.51 -30.85
CA SER C 174 45.81 13.98 -31.05
C SER C 174 44.80 13.24 -30.17
N TYR C 175 45.30 12.48 -29.20
CA TYR C 175 44.41 11.77 -28.28
C TYR C 175 44.09 12.69 -27.12
N VAL C 176 45.07 13.50 -26.73
CA VAL C 176 44.91 14.44 -25.64
C VAL C 176 44.63 15.82 -26.20
N ARG C 177 43.43 16.33 -25.95
CA ARG C 177 43.06 17.66 -26.42
C ARG C 177 42.18 18.26 -25.33
N ASP C 178 42.36 19.54 -25.05
CA ASP C 178 41.60 20.23 -24.00
C ASP C 178 41.87 19.58 -22.68
N ASP C 179 43.10 19.08 -22.53
CA ASP C 179 43.55 18.43 -21.33
C ASP C 179 42.54 17.34 -20.91
N ALA C 180 42.19 16.49 -21.87
CA ALA C 180 41.26 15.40 -21.63
C ALA C 180 41.37 14.36 -22.73
N ILE C 181 40.92 13.14 -22.43
CA ILE C 181 40.93 12.04 -23.39
C ILE C 181 39.59 11.32 -23.26
N PHE C 182 39.17 10.66 -24.32
CA PHE C 182 37.91 9.92 -24.31
C PHE C 182 38.14 8.41 -24.45
N ILE C 183 37.60 7.64 -23.51
CA ILE C 183 37.70 6.19 -23.54
C ILE C 183 36.32 5.63 -23.91
N LYS C 184 36.26 4.77 -24.91
CA LYS C 184 35.00 4.20 -25.33
C LYS C 184 34.92 2.69 -25.18
N ALA C 185 33.82 2.21 -24.61
CA ALA C 185 33.64 0.79 -24.44
C ALA C 185 32.38 0.33 -25.13
N ILE C 186 32.46 -0.81 -25.79
CA ILE C 186 31.32 -1.38 -26.50
C ILE C 186 31.18 -2.84 -26.11
N VAL C 187 30.08 -3.16 -25.45
CA VAL C 187 29.80 -4.52 -25.03
C VAL C 187 28.87 -5.19 -26.04
N ASP C 188 29.36 -6.20 -26.72
CA ASP C 188 28.54 -6.91 -27.69
C ASP C 188 27.34 -7.54 -26.96
N LEU C 189 26.15 -7.34 -27.51
CA LEU C 189 24.95 -7.85 -26.87
C LEU C 189 24.44 -9.17 -27.41
N THR C 190 25.27 -9.86 -28.19
CA THR C 190 24.89 -11.15 -28.76
C THR C 190 24.46 -12.14 -27.67
N GLY C 191 23.27 -12.72 -27.85
CA GLY C 191 22.79 -13.69 -26.89
C GLY C 191 21.95 -13.14 -25.76
N LEU C 192 21.85 -11.82 -25.66
CA LEU C 192 21.06 -11.21 -24.61
C LEU C 192 19.73 -10.76 -25.21
N ALA D 7 -6.90 27.81 -8.38
CA ALA D 7 -7.37 26.39 -8.43
C ALA D 7 -7.04 25.63 -7.14
N LEU D 8 -5.88 25.92 -6.55
CA LEU D 8 -5.46 25.26 -5.31
C LEU D 8 -6.61 25.17 -4.32
N SER D 9 -7.01 26.31 -3.75
CA SER D 9 -8.12 26.33 -2.80
C SER D 9 -9.21 25.38 -3.30
N SER D 10 -9.57 25.50 -4.58
CA SER D 10 -10.59 24.64 -5.18
C SER D 10 -10.32 23.20 -4.75
N LYS D 11 -9.16 22.68 -5.15
CA LYS D 11 -8.77 21.32 -4.79
C LYS D 11 -8.79 21.21 -3.27
N VAL D 12 -8.03 22.08 -2.60
CA VAL D 12 -7.96 22.09 -1.14
C VAL D 12 -9.37 21.88 -0.61
N GLN D 13 -10.33 22.54 -1.26
CA GLN D 13 -11.72 22.39 -0.87
C GLN D 13 -12.08 20.92 -1.10
N GLN D 14 -12.24 20.54 -2.37
CA GLN D 14 -12.60 19.17 -2.71
C GLN D 14 -11.90 18.13 -1.83
N LEU D 15 -10.68 18.42 -1.40
CA LEU D 15 -9.91 17.52 -0.55
C LEU D 15 -10.57 17.41 0.83
N GLU D 16 -10.53 18.50 1.59
CA GLU D 16 -11.12 18.54 2.91
C GLU D 16 -12.64 18.66 2.83
N ARG D 17 -13.21 18.32 1.68
CA ARG D 17 -14.65 18.40 1.50
C ARG D 17 -15.14 17.12 0.83
N SER D 18 -14.38 16.06 1.08
CA SER D 18 -14.64 14.71 0.57
C SER D 18 -14.12 13.83 1.71
N ILE D 19 -13.43 14.46 2.64
CA ILE D 19 -12.91 13.79 3.82
C ILE D 19 -14.14 13.71 4.72
N GLY D 20 -15.15 14.48 4.35
CA GLY D 20 -16.40 14.50 5.08
C GLY D 20 -17.26 13.35 4.60
N LEU D 21 -17.08 12.97 3.34
CA LEU D 21 -17.83 11.85 2.79
C LEU D 21 -17.26 10.58 3.39
N LYS D 22 -15.94 10.55 3.59
CA LYS D 22 -15.30 9.40 4.18
C LYS D 22 -15.64 9.28 5.66
N ASP D 23 -15.87 10.41 6.31
CA ASP D 23 -16.22 10.40 7.71
C ASP D 23 -17.55 9.67 7.91
N LEU D 24 -18.45 9.82 6.95
CA LEU D 24 -19.75 9.17 7.02
C LEU D 24 -19.58 7.66 6.91
N ALA D 25 -18.79 7.21 5.95
CA ALA D 25 -18.56 5.78 5.74
C ALA D 25 -17.98 5.16 7.00
N MET D 26 -17.11 5.92 7.68
CA MET D 26 -16.50 5.47 8.91
C MET D 26 -17.60 5.28 9.95
N ALA D 27 -18.51 6.26 10.00
CA ALA D 27 -19.62 6.23 10.95
C ALA D 27 -20.47 4.99 10.73
N ASP D 28 -20.56 4.56 9.48
CA ASP D 28 -21.34 3.39 9.16
C ASP D 28 -20.64 2.12 9.64
N LEU D 29 -19.32 2.04 9.45
CA LEU D 29 -18.56 0.86 9.87
C LEU D 29 -18.64 0.70 11.38
N GLU D 30 -18.54 1.79 12.13
CA GLU D 30 -18.64 1.67 13.57
C GLU D 30 -19.96 0.99 13.89
N GLN D 31 -21.07 1.59 13.44
CA GLN D 31 -22.40 1.03 13.66
C GLN D 31 -22.51 -0.44 13.30
N LYS D 32 -21.87 -0.85 12.21
CA LYS D 32 -21.94 -2.24 11.80
C LYS D 32 -21.28 -3.16 12.83
N VAL D 33 -20.16 -2.71 13.39
CA VAL D 33 -19.47 -3.51 14.39
C VAL D 33 -20.29 -3.67 15.67
N LEU D 34 -20.98 -2.61 16.09
CA LEU D 34 -21.81 -2.70 17.29
C LEU D 34 -22.90 -3.73 17.04
N GLU D 35 -23.55 -3.62 15.88
CA GLU D 35 -24.61 -4.54 15.51
C GLU D 35 -24.13 -5.99 15.57
N MET D 36 -22.94 -6.26 15.03
CA MET D 36 -22.40 -7.62 15.08
C MET D 36 -22.25 -8.03 16.53
N GLU D 37 -21.72 -7.11 17.32
CA GLU D 37 -21.48 -7.33 18.74
C GLU D 37 -22.74 -7.59 19.57
N ALA D 38 -23.89 -7.07 19.15
CA ALA D 38 -25.13 -7.25 19.89
C ALA D 38 -26.11 -8.30 19.35
N SER D 39 -25.97 -8.67 18.08
CA SER D 39 -26.88 -9.64 17.50
C SER D 39 -26.81 -11.02 18.17
N THR D 40 -27.96 -11.68 18.23
CA THR D 40 -28.06 -13.01 18.79
C THR D 40 -28.82 -13.81 17.73
N TYR D 41 -28.65 -15.12 17.74
CA TYR D 41 -29.33 -15.93 16.74
C TYR D 41 -30.24 -17.01 17.31
N ASP D 42 -30.93 -16.72 18.41
CA ASP D 42 -31.82 -17.70 19.02
C ASP D 42 -33.17 -17.15 19.49
N GLY D 43 -33.62 -16.05 18.87
CA GLY D 43 -34.89 -15.46 19.24
C GLY D 43 -34.89 -14.76 20.58
N VAL D 44 -33.75 -14.81 21.28
CA VAL D 44 -33.66 -14.15 22.58
C VAL D 44 -32.71 -12.96 22.46
N PHE D 45 -33.14 -11.81 22.98
CA PHE D 45 -32.36 -10.60 22.89
C PHE D 45 -32.54 -9.73 24.12
N ILE D 46 -31.44 -9.27 24.71
CA ILE D 46 -31.52 -8.37 25.87
C ILE D 46 -30.91 -7.01 25.50
N TRP D 47 -31.78 -6.01 25.39
CA TRP D 47 -31.36 -4.69 25.01
C TRP D 47 -31.08 -3.84 26.24
N LYS D 48 -29.84 -3.35 26.34
CA LYS D 48 -29.46 -2.50 27.47
C LYS D 48 -29.42 -1.07 26.97
N ILE D 49 -30.21 -0.20 27.59
CA ILE D 49 -30.25 1.20 27.21
C ILE D 49 -29.60 2.03 28.32
N SER D 50 -28.39 2.51 28.04
CA SER D 50 -27.62 3.31 28.99
C SER D 50 -27.91 4.79 28.81
N ASP D 51 -27.46 5.61 29.77
CA ASP D 51 -27.71 7.04 29.72
C ASP D 51 -29.21 7.23 29.58
N PHE D 52 -29.97 6.56 30.45
CA PHE D 52 -31.42 6.62 30.41
C PHE D 52 -31.94 8.04 30.62
N ALA D 53 -31.49 8.68 31.70
CA ALA D 53 -31.91 10.04 32.02
C ALA D 53 -31.80 10.95 30.82
N ARG D 54 -30.57 11.09 30.30
CA ARG D 54 -30.32 11.94 29.14
C ARG D 54 -31.22 11.59 27.96
N LYS D 55 -31.39 10.30 27.69
CA LYS D 55 -32.25 9.90 26.58
C LYS D 55 -33.69 10.21 26.93
N ARG D 56 -34.00 10.16 28.23
CA ARG D 56 -35.34 10.44 28.72
C ARG D 56 -35.71 11.90 28.43
N GLN D 57 -34.77 12.82 28.70
CA GLN D 57 -34.99 14.24 28.45
C GLN D 57 -35.18 14.57 26.98
N GLU D 58 -34.37 13.91 26.14
CA GLU D 58 -34.41 14.13 24.70
C GLU D 58 -35.78 13.73 24.14
N ALA D 59 -36.48 12.85 24.84
CA ALA D 59 -37.79 12.41 24.40
C ALA D 59 -38.82 13.46 24.83
N VAL D 60 -38.83 13.75 26.13
CA VAL D 60 -39.76 14.73 26.71
C VAL D 60 -39.63 16.07 25.98
N ALA D 61 -38.41 16.44 25.65
CA ALA D 61 -38.14 17.69 24.95
C ALA D 61 -38.51 17.56 23.48
N GLY D 62 -38.78 16.33 23.05
CA GLY D 62 -39.14 16.09 21.67
C GLY D 62 -37.97 16.04 20.71
N ARG D 63 -36.76 16.30 21.19
CA ARG D 63 -35.58 16.27 20.33
C ARG D 63 -35.41 14.89 19.72
N ILE D 64 -35.66 13.86 20.52
CA ILE D 64 -35.56 12.49 20.06
C ILE D 64 -36.70 11.66 20.66
N PRO D 65 -37.79 11.51 19.90
CA PRO D 65 -38.98 10.75 20.32
C PRO D 65 -38.80 9.24 20.42
N ALA D 66 -38.03 8.65 19.51
CA ALA D 66 -37.85 7.19 19.52
C ALA D 66 -36.41 6.72 19.28
N ILE D 67 -36.15 5.47 19.65
CA ILE D 67 -34.81 4.86 19.50
C ILE D 67 -34.94 3.43 18.99
N PHE D 68 -34.07 3.04 18.04
CA PHE D 68 -34.06 1.67 17.53
C PHE D 68 -33.06 0.82 18.31
N SER D 69 -33.30 -0.49 18.35
CA SER D 69 -32.39 -1.40 19.05
C SER D 69 -31.64 -2.15 17.96
N PRO D 70 -30.45 -2.69 18.31
CA PRO D 70 -29.67 -3.44 17.33
C PRO D 70 -30.52 -4.58 16.81
N ALA D 71 -30.09 -5.25 15.76
CA ALA D 71 -30.86 -6.35 15.20
C ALA D 71 -30.49 -7.72 15.76
N PHE D 72 -31.47 -8.63 15.79
CA PHE D 72 -31.25 -9.98 16.28
C PHE D 72 -32.08 -10.96 15.43
N TYR D 73 -31.75 -12.25 15.47
CA TYR D 73 -32.44 -13.24 14.64
C TYR D 73 -33.12 -14.41 15.35
N THR D 74 -33.98 -15.12 14.61
CA THR D 74 -34.69 -16.29 15.14
C THR D 74 -33.76 -17.49 15.04
N SER D 75 -32.78 -17.40 14.17
CA SER D 75 -31.80 -18.46 13.99
C SER D 75 -30.67 -17.90 13.14
N ARG D 76 -29.60 -18.65 12.98
CA ARG D 76 -28.44 -18.18 12.22
C ARG D 76 -28.83 -17.52 10.89
N TYR D 77 -29.85 -18.05 10.23
CA TYR D 77 -30.32 -17.50 8.96
C TYR D 77 -31.83 -17.25 8.94
N GLY D 78 -32.40 -16.98 10.10
CA GLY D 78 -33.83 -16.73 10.20
C GLY D 78 -34.23 -15.28 10.01
N TYR D 79 -35.36 -14.90 10.56
CA TYR D 79 -35.84 -13.53 10.43
C TYR D 79 -34.93 -12.54 11.16
N LYS D 80 -34.83 -11.35 10.60
CA LYS D 80 -34.02 -10.29 11.19
C LYS D 80 -35.05 -9.39 11.85
N MET D 81 -34.78 -8.96 13.09
CA MET D 81 -35.74 -8.15 13.83
C MET D 81 -35.05 -7.12 14.71
N CYS D 82 -35.82 -6.20 15.29
CA CYS D 82 -35.29 -5.20 16.21
C CYS D 82 -36.47 -4.62 16.98
N LEU D 83 -36.19 -3.77 17.97
CA LEU D 83 -37.24 -3.17 18.76
C LEU D 83 -37.15 -1.64 18.62
N ARG D 84 -38.28 -0.95 18.79
CA ARG D 84 -38.33 0.50 18.73
C ARG D 84 -39.01 0.94 20.02
N ILE D 85 -38.56 2.03 20.60
CA ILE D 85 -39.16 2.49 21.84
C ILE D 85 -39.29 4.00 21.96
N TYR D 86 -40.40 4.44 22.55
CA TYR D 86 -40.65 5.85 22.77
C TYR D 86 -40.60 6.08 24.27
N LEU D 87 -39.50 6.62 24.76
CA LEU D 87 -39.38 6.83 26.19
C LEU D 87 -40.41 7.77 26.78
N ASN D 88 -41.16 8.49 25.93
CA ASN D 88 -42.17 9.40 26.45
C ASN D 88 -43.52 9.18 25.79
N GLY D 89 -43.74 7.94 25.36
CA GLY D 89 -44.99 7.56 24.74
C GLY D 89 -45.19 7.76 23.25
N ASP D 90 -46.23 7.10 22.75
CA ASP D 90 -46.62 7.17 21.36
C ASP D 90 -48.09 6.76 21.31
N GLY D 91 -48.81 7.26 20.31
CA GLY D 91 -50.22 6.92 20.17
C GLY D 91 -50.92 7.05 21.50
N THR D 92 -51.75 6.07 21.83
CA THR D 92 -52.51 6.08 23.09
C THR D 92 -51.70 6.24 24.36
N GLY D 93 -50.36 6.25 24.24
CA GLY D 93 -49.52 6.40 25.42
C GLY D 93 -48.66 7.65 25.43
N ARG D 94 -48.77 8.46 24.39
CA ARG D 94 -47.97 9.69 24.28
C ARG D 94 -48.01 10.56 25.54
N GLY D 95 -46.87 10.66 26.22
CA GLY D 95 -46.79 11.50 27.41
C GLY D 95 -47.06 10.81 28.73
N THR D 96 -47.70 9.64 28.70
CA THR D 96 -48.03 8.92 29.93
C THR D 96 -47.34 7.57 30.07
N HIS D 97 -47.09 6.89 28.95
CA HIS D 97 -46.45 5.59 29.00
C HIS D 97 -45.17 5.45 28.18
N LEU D 98 -44.46 4.37 28.48
CA LEU D 98 -43.25 4.01 27.78
C LEU D 98 -43.79 3.06 26.71
N SER D 99 -43.63 3.41 25.44
CA SER D 99 -44.15 2.57 24.35
C SER D 99 -43.05 1.70 23.77
N LEU D 100 -43.37 0.43 23.56
CA LEU D 100 -42.38 -0.52 23.05
C LEU D 100 -42.94 -1.31 21.87
N PHE D 101 -42.23 -1.31 20.76
CA PHE D 101 -42.70 -2.04 19.58
C PHE D 101 -41.71 -3.05 19.00
N PHE D 102 -42.28 -4.00 18.26
CA PHE D 102 -41.54 -5.06 17.59
C PHE D 102 -41.45 -4.64 16.11
N VAL D 103 -40.32 -4.93 15.47
CA VAL D 103 -40.14 -4.54 14.07
C VAL D 103 -39.52 -5.66 13.24
N VAL D 104 -40.17 -6.00 12.15
CA VAL D 104 -39.65 -7.02 11.26
C VAL D 104 -38.81 -6.27 10.22
N MET D 105 -37.55 -6.66 10.06
CA MET D 105 -36.68 -6.01 9.09
C MET D 105 -36.41 -6.92 7.93
N LYS D 106 -35.90 -6.36 6.84
CA LYS D 106 -35.58 -7.14 5.66
C LYS D 106 -34.31 -7.89 6.01
N GLY D 107 -34.29 -9.18 5.70
CA GLY D 107 -33.12 -9.99 6.02
C GLY D 107 -32.50 -10.61 4.79
N PRO D 108 -31.22 -11.00 4.89
CA PRO D 108 -30.42 -11.62 3.83
C PRO D 108 -31.00 -12.92 3.29
N ASN D 109 -31.84 -13.58 4.09
CA ASN D 109 -32.41 -14.87 3.71
C ASN D 109 -33.93 -14.82 3.56
N ASP D 110 -34.49 -13.62 3.53
CA ASP D 110 -35.93 -13.48 3.41
C ASP D 110 -36.59 -14.32 2.31
N ALA D 111 -35.80 -14.85 1.39
CA ALA D 111 -36.35 -15.65 0.29
C ALA D 111 -36.44 -17.13 0.60
N LEU D 112 -35.93 -17.54 1.76
CA LEU D 112 -35.96 -18.94 2.15
C LEU D 112 -36.87 -19.16 3.35
N LEU D 113 -37.51 -18.09 3.80
CA LEU D 113 -38.41 -18.14 4.94
C LEU D 113 -39.88 -18.01 4.53
N ARG D 114 -40.76 -18.45 5.41
CA ARG D 114 -42.20 -18.40 5.17
C ARG D 114 -42.79 -17.07 5.59
N TRP D 115 -43.79 -16.61 4.83
CA TRP D 115 -44.46 -15.35 5.15
C TRP D 115 -45.97 -15.50 5.05
N PRO D 116 -46.72 -14.66 5.78
CA PRO D 116 -46.22 -13.62 6.69
C PRO D 116 -45.58 -14.17 7.96
N PHE D 117 -44.91 -13.29 8.72
CA PHE D 117 -44.25 -13.65 9.98
C PHE D 117 -45.39 -14.06 10.93
N ASN D 118 -45.23 -15.18 11.62
CA ASN D 118 -46.31 -15.60 12.51
C ASN D 118 -45.83 -16.15 13.84
N GLN D 119 -44.75 -15.58 14.36
CA GLN D 119 -44.19 -16.02 15.64
C GLN D 119 -44.69 -15.20 16.83
N LYS D 120 -44.98 -15.90 17.91
CA LYS D 120 -45.44 -15.30 19.15
C LYS D 120 -44.29 -14.49 19.74
N VAL D 121 -44.57 -13.25 20.15
CA VAL D 121 -43.54 -12.40 20.72
C VAL D 121 -43.83 -12.00 22.18
N THR D 122 -42.79 -12.09 23.01
CA THR D 122 -42.92 -11.71 24.41
C THR D 122 -41.95 -10.58 24.66
N LEU D 123 -42.45 -9.55 25.34
CA LEU D 123 -41.63 -8.40 25.64
C LEU D 123 -41.68 -8.11 27.13
N MET D 124 -40.57 -7.66 27.69
CA MET D 124 -40.53 -7.34 29.10
C MET D 124 -39.50 -6.31 29.48
N LEU D 125 -39.80 -5.61 30.56
CA LEU D 125 -38.93 -4.61 31.14
C LEU D 125 -38.44 -5.29 32.40
N LEU D 126 -37.16 -5.67 32.43
CA LEU D 126 -36.59 -6.38 33.57
C LEU D 126 -36.43 -5.58 34.84
N ASP D 127 -36.85 -6.18 35.94
CA ASP D 127 -36.72 -5.58 37.25
C ASP D 127 -35.33 -6.01 37.67
N GLN D 128 -34.45 -5.04 37.90
CA GLN D 128 -33.08 -5.34 38.29
C GLN D 128 -33.01 -5.88 39.72
N ASN D 129 -34.18 -6.10 40.32
CA ASN D 129 -34.30 -6.66 41.65
C ASN D 129 -34.80 -8.08 41.43
N ASN D 130 -35.28 -8.32 40.21
CA ASN D 130 -35.79 -9.60 39.76
C ASN D 130 -36.99 -10.08 40.58
N ARG D 131 -37.81 -9.13 41.02
CA ARG D 131 -38.98 -9.45 41.79
C ARG D 131 -40.23 -9.36 40.90
N GLU D 132 -40.49 -8.19 40.32
CA GLU D 132 -41.66 -8.02 39.47
C GLU D 132 -41.37 -7.41 38.10
N HIS D 133 -41.11 -8.26 37.11
CA HIS D 133 -40.82 -7.79 35.77
C HIS D 133 -42.12 -7.33 35.13
N VAL D 134 -42.02 -6.35 34.23
CA VAL D 134 -43.20 -5.88 33.50
C VAL D 134 -43.18 -6.70 32.21
N ILE D 135 -44.20 -7.53 32.02
CA ILE D 135 -44.24 -8.39 30.84
C ILE D 135 -45.56 -8.37 30.08
N ASP D 136 -45.48 -8.70 28.81
CA ASP D 136 -46.65 -8.74 27.93
C ASP D 136 -46.23 -9.59 26.73
N ALA D 137 -47.19 -10.03 25.93
CA ALA D 137 -46.89 -10.84 24.76
C ALA D 137 -48.02 -10.75 23.75
N PHE D 138 -47.73 -11.04 22.50
CA PHE D 138 -48.75 -10.96 21.47
C PHE D 138 -48.54 -11.92 20.32
N ARG D 139 -49.57 -12.11 19.53
CA ARG D 139 -49.53 -12.97 18.37
C ARG D 139 -49.74 -12.08 17.14
N PRO D 140 -48.83 -12.18 16.16
CA PRO D 140 -48.88 -11.39 14.93
C PRO D 140 -50.16 -11.56 14.12
N ASP D 141 -50.80 -10.43 13.81
CA ASP D 141 -52.02 -10.43 13.00
C ASP D 141 -51.57 -10.65 11.56
N VAL D 142 -51.65 -11.91 11.14
CA VAL D 142 -51.26 -12.34 9.80
C VAL D 142 -51.76 -11.43 8.66
N THR D 143 -52.77 -10.62 8.92
CA THR D 143 -53.31 -9.73 7.90
C THR D 143 -52.65 -8.34 7.89
N SER D 144 -52.06 -7.95 9.01
CA SER D 144 -51.40 -6.65 9.11
C SER D 144 -50.19 -6.62 8.18
N SER D 145 -49.82 -5.41 7.72
CA SER D 145 -48.68 -5.30 6.82
C SER D 145 -47.37 -5.41 7.63
N SER D 146 -47.51 -5.37 8.95
CA SER D 146 -46.34 -5.48 9.84
C SER D 146 -45.64 -6.83 9.71
N PHE D 147 -46.39 -7.86 9.33
CA PHE D 147 -45.77 -9.16 9.25
C PHE D 147 -45.70 -9.78 7.85
N GLN D 148 -45.75 -8.92 6.84
CA GLN D 148 -45.66 -9.40 5.46
C GLN D 148 -44.19 -9.30 5.05
N ARG D 149 -43.77 -10.11 4.08
CA ARG D 149 -42.37 -10.06 3.65
C ARG D 149 -41.96 -8.63 3.35
N PRO D 150 -40.91 -8.15 4.03
CA PRO D 150 -40.36 -6.80 3.88
C PRO D 150 -40.00 -6.39 2.46
N VAL D 151 -40.40 -5.17 2.10
CA VAL D 151 -40.12 -4.60 0.79
C VAL D 151 -39.09 -3.51 1.03
N ASN D 152 -39.20 -2.89 2.20
CA ASN D 152 -38.27 -1.84 2.62
C ASN D 152 -37.38 -2.43 3.70
N ASP D 153 -36.56 -1.60 4.32
CA ASP D 153 -35.66 -2.09 5.35
C ASP D 153 -36.40 -2.46 6.64
N MET D 154 -37.56 -1.83 6.86
CA MET D 154 -38.35 -2.10 8.06
C MET D 154 -39.84 -2.00 7.75
N ASN D 155 -40.62 -2.99 8.16
CA ASN D 155 -42.06 -2.92 7.94
C ASN D 155 -42.62 -2.01 9.02
N ILE D 156 -43.94 -1.82 9.03
CA ILE D 156 -44.60 -0.98 10.03
C ILE D 156 -44.47 -1.65 11.40
N ALA D 157 -43.95 -0.91 12.36
CA ALA D 157 -43.77 -1.45 13.71
C ALA D 157 -45.11 -1.61 14.41
N SER D 158 -45.21 -2.64 15.24
CA SER D 158 -46.42 -2.92 16.01
C SER D 158 -45.99 -3.40 17.38
N GLY D 159 -46.79 -3.12 18.40
CA GLY D 159 -46.43 -3.56 19.74
C GLY D 159 -47.34 -3.16 20.88
N CYS D 160 -46.74 -2.62 21.94
CA CYS D 160 -47.47 -2.22 23.13
C CYS D 160 -47.37 -0.73 23.44
N PRO D 161 -48.28 0.07 22.85
CA PRO D 161 -48.29 1.52 23.07
C PRO D 161 -48.41 1.93 24.54
N LEU D 162 -48.97 1.05 25.37
CA LEU D 162 -49.12 1.35 26.80
C LEU D 162 -48.41 0.29 27.64
N PHE D 163 -47.25 -0.14 27.16
CA PHE D 163 -46.44 -1.16 27.81
C PHE D 163 -46.17 -0.86 29.29
N CYS D 164 -45.81 0.38 29.61
CA CYS D 164 -45.50 0.72 31.00
C CYS D 164 -45.63 2.21 31.37
N PRO D 165 -46.25 2.48 32.54
CA PRO D 165 -46.46 3.82 33.08
C PRO D 165 -45.16 4.57 33.37
N VAL D 166 -45.08 5.81 32.91
CA VAL D 166 -43.89 6.62 33.11
C VAL D 166 -43.57 6.94 34.57
N SER D 167 -44.60 7.06 35.40
CA SER D 167 -44.38 7.35 36.82
C SER D 167 -43.74 6.14 37.46
N LYS D 168 -43.96 4.97 36.85
CA LYS D 168 -43.42 3.72 37.35
C LYS D 168 -41.89 3.70 37.25
N MET D 169 -41.31 4.85 36.94
CA MET D 169 -39.87 4.99 36.83
C MET D 169 -39.34 6.42 36.97
N GLU D 170 -40.24 7.39 37.06
CA GLU D 170 -39.81 8.78 37.24
C GLU D 170 -39.71 9.09 38.73
N ALA D 171 -39.69 8.02 39.53
CA ALA D 171 -39.57 8.11 40.98
C ALA D 171 -38.60 7.01 41.42
N LYS D 172 -38.68 6.62 42.68
CA LYS D 172 -37.81 5.56 43.19
C LYS D 172 -38.30 4.20 42.70
N ASN D 173 -37.49 3.55 41.86
CA ASN D 173 -37.85 2.24 41.32
C ASN D 173 -36.62 1.35 41.17
N SER D 174 -36.85 0.13 40.67
CA SER D 174 -35.79 -0.84 40.47
C SER D 174 -35.58 -1.21 38.99
N TYR D 175 -36.32 -0.57 38.09
CA TYR D 175 -36.13 -0.85 36.67
C TYR D 175 -34.95 -0.02 36.19
N VAL D 176 -34.82 1.17 36.74
CA VAL D 176 -33.73 2.08 36.40
C VAL D 176 -32.61 1.96 37.43
N ARG D 177 -31.46 1.45 37.01
CA ARG D 177 -30.33 1.33 37.91
C ARG D 177 -29.08 1.66 37.10
N ASP D 178 -28.12 2.37 37.69
CA ASP D 178 -26.91 2.75 36.97
C ASP D 178 -27.30 3.56 35.75
N ASP D 179 -28.39 4.31 35.88
CA ASP D 179 -28.90 5.14 34.81
C ASP D 179 -29.15 4.34 33.54
N ALA D 180 -29.67 3.13 33.72
CA ALA D 180 -29.95 2.26 32.58
C ALA D 180 -31.11 1.29 32.86
N ILE D 181 -31.72 0.76 31.79
CA ILE D 181 -32.81 -0.22 31.91
C ILE D 181 -32.58 -1.34 30.90
N PHE D 182 -33.13 -2.52 31.20
CA PHE D 182 -32.99 -3.64 30.28
C PHE D 182 -34.34 -4.08 29.73
N ILE D 183 -34.40 -4.26 28.42
CA ILE D 183 -35.60 -4.71 27.73
C ILE D 183 -35.27 -6.08 27.15
N LYS D 184 -36.13 -7.07 27.41
CA LYS D 184 -35.90 -8.42 26.88
C LYS D 184 -37.01 -8.84 25.93
N ALA D 185 -36.62 -9.49 24.84
CA ALA D 185 -37.58 -9.94 23.84
C ALA D 185 -37.31 -11.40 23.58
N ILE D 186 -38.38 -12.20 23.52
CA ILE D 186 -38.28 -13.63 23.30
C ILE D 186 -39.25 -14.07 22.21
N VAL D 187 -38.71 -14.34 21.03
CA VAL D 187 -39.51 -14.78 19.88
C VAL D 187 -39.67 -16.30 19.94
N ASP D 188 -40.90 -16.76 20.11
CA ASP D 188 -41.14 -18.21 20.16
C ASP D 188 -40.72 -18.81 18.83
N LEU D 189 -40.03 -19.94 18.88
CA LEU D 189 -39.54 -20.57 17.67
C LEU D 189 -40.35 -21.80 17.22
N THR D 190 -41.57 -21.92 17.72
CA THR D 190 -42.45 -23.04 17.35
C THR D 190 -42.78 -22.95 15.86
N GLY D 191 -42.70 -24.07 15.17
CA GLY D 191 -43.00 -24.05 13.76
C GLY D 191 -41.78 -23.81 12.89
N LEU D 192 -40.66 -23.44 13.50
CA LEU D 192 -39.43 -23.20 12.75
C LEU D 192 -38.41 -24.30 13.01
N ALA E 7 4.37 26.04 -0.20
CA ALA E 7 3.62 25.80 1.07
C ALA E 7 2.30 25.07 0.80
N LEU E 8 1.39 25.76 0.12
CA LEU E 8 0.08 25.20 -0.23
C LEU E 8 0.21 23.83 -0.89
N SER E 9 0.93 23.78 -2.00
CA SER E 9 1.13 22.53 -2.73
C SER E 9 1.59 21.39 -1.82
N SER E 10 2.75 21.55 -1.18
CA SER E 10 3.29 20.54 -0.28
C SER E 10 2.24 20.08 0.73
N LYS E 11 1.62 21.03 1.41
CA LYS E 11 0.59 20.73 2.40
C LYS E 11 -0.55 19.94 1.75
N VAL E 12 -1.16 20.54 0.72
CA VAL E 12 -2.24 19.89 0.00
C VAL E 12 -1.77 18.51 -0.40
N GLN E 13 -0.55 18.44 -0.91
CA GLN E 13 0.04 17.17 -1.35
C GLN E 13 -0.05 16.10 -0.26
N GLN E 14 0.45 16.43 0.93
CA GLN E 14 0.45 15.51 2.05
C GLN E 14 -0.95 15.04 2.45
N LEU E 15 -1.90 15.97 2.52
CA LEU E 15 -3.29 15.67 2.88
C LEU E 15 -3.92 14.69 1.91
N GLU E 16 -3.50 14.73 0.65
CA GLU E 16 -4.02 13.82 -0.36
C GLU E 16 -3.51 12.44 -0.02
N ARG E 17 -2.25 12.36 0.39
CA ARG E 17 -1.64 11.10 0.77
C ARG E 17 -2.18 10.59 2.10
N SER E 18 -2.68 11.49 2.94
CA SER E 18 -3.23 11.09 4.23
C SER E 18 -4.57 10.40 3.98
N ILE E 19 -5.40 11.04 3.15
CA ILE E 19 -6.71 10.52 2.82
C ILE E 19 -6.61 9.19 2.08
N GLY E 20 -5.54 9.01 1.32
CA GLY E 20 -5.35 7.78 0.59
C GLY E 20 -5.09 6.64 1.55
N LEU E 21 -4.17 6.85 2.47
CA LEU E 21 -3.83 5.84 3.46
C LEU E 21 -5.06 5.51 4.28
N LYS E 22 -5.78 6.54 4.68
CA LYS E 22 -6.98 6.35 5.47
C LYS E 22 -7.90 5.37 4.73
N ASP E 23 -8.31 5.74 3.52
CA ASP E 23 -9.20 4.90 2.72
C ASP E 23 -8.70 3.45 2.63
N LEU E 24 -7.39 3.26 2.64
CA LEU E 24 -6.85 1.90 2.56
C LEU E 24 -7.14 1.17 3.88
N ALA E 25 -6.86 1.85 4.98
CA ALA E 25 -7.08 1.31 6.31
C ALA E 25 -8.55 0.99 6.55
N MET E 26 -9.44 1.82 6.03
CA MET E 26 -10.85 1.58 6.23
C MET E 26 -11.31 0.44 5.36
N ALA E 27 -10.72 0.34 4.16
CA ALA E 27 -11.05 -0.72 3.23
C ALA E 27 -10.72 -2.06 3.88
N ASP E 28 -9.51 -2.15 4.42
CA ASP E 28 -9.06 -3.39 5.03
C ASP E 28 -9.85 -3.81 6.28
N LEU E 29 -10.17 -2.86 7.15
CA LEU E 29 -10.92 -3.21 8.35
C LEU E 29 -12.31 -3.70 7.88
N GLU E 30 -12.88 -3.02 6.90
CA GLU E 30 -14.20 -3.38 6.40
C GLU E 30 -14.26 -4.81 5.85
N GLN E 31 -13.22 -5.25 5.16
CA GLN E 31 -13.22 -6.61 4.63
C GLN E 31 -13.11 -7.57 5.81
N LYS E 32 -12.31 -7.17 6.80
CA LYS E 32 -12.11 -7.95 8.02
C LYS E 32 -13.44 -8.19 8.71
N VAL E 33 -14.25 -7.15 8.82
CA VAL E 33 -15.54 -7.25 9.47
C VAL E 33 -16.54 -8.08 8.65
N LEU E 34 -16.30 -8.21 7.34
CA LEU E 34 -17.19 -9.01 6.52
C LEU E 34 -16.88 -10.52 6.67
N GLU E 35 -15.62 -10.86 6.86
CA GLU E 35 -15.22 -12.25 7.05
C GLU E 35 -15.85 -12.75 8.37
N MET E 36 -15.57 -12.05 9.47
CA MET E 36 -16.09 -12.40 10.79
C MET E 36 -17.61 -12.55 10.80
N GLU E 37 -18.24 -11.65 10.09
CA GLU E 37 -19.69 -11.58 10.00
C GLU E 37 -20.33 -12.80 9.32
N ALA E 38 -19.56 -13.49 8.49
CA ALA E 38 -20.13 -14.65 7.79
C ALA E 38 -19.77 -15.98 8.43
N SER E 39 -18.71 -16.02 9.20
CA SER E 39 -18.29 -17.26 9.82
C SER E 39 -19.34 -17.83 10.79
N THR E 40 -19.34 -19.16 10.87
CA THR E 40 -20.25 -19.90 11.74
C THR E 40 -19.36 -20.93 12.42
N TYR E 41 -19.86 -21.54 13.49
CA TYR E 41 -19.10 -22.54 14.24
C TYR E 41 -19.85 -23.82 14.58
N ASP E 42 -20.74 -24.25 13.68
CA ASP E 42 -21.51 -25.45 13.93
C ASP E 42 -21.56 -26.34 12.70
N GLY E 43 -20.59 -26.15 11.80
CA GLY E 43 -20.53 -26.97 10.60
C GLY E 43 -21.57 -26.65 9.53
N VAL E 44 -22.44 -25.68 9.76
CA VAL E 44 -23.43 -25.34 8.75
C VAL E 44 -23.08 -23.94 8.27
N PHE E 45 -23.17 -23.71 6.96
CA PHE E 45 -22.83 -22.41 6.39
C PHE E 45 -23.66 -22.11 5.15
N ILE E 46 -24.31 -20.94 5.10
CA ILE E 46 -25.12 -20.52 3.95
C ILE E 46 -24.51 -19.30 3.25
N TRP E 47 -23.91 -19.54 2.09
CA TRP E 47 -23.24 -18.52 1.31
C TRP E 47 -24.14 -17.94 0.21
N LYS E 48 -24.45 -16.66 0.34
CA LYS E 48 -25.29 -15.95 -0.63
C LYS E 48 -24.45 -15.15 -1.63
N ILE E 49 -24.58 -15.44 -2.93
CA ILE E 49 -23.82 -14.76 -3.98
C ILE E 49 -24.69 -13.74 -4.71
N SER E 50 -24.45 -12.46 -4.46
CA SER E 50 -25.22 -11.41 -5.14
C SER E 50 -24.52 -10.99 -6.44
N ASP E 51 -25.23 -10.27 -7.30
CA ASP E 51 -24.69 -9.83 -8.60
C ASP E 51 -24.31 -11.08 -9.39
N PHE E 52 -25.15 -12.11 -9.29
CA PHE E 52 -24.88 -13.37 -9.98
C PHE E 52 -24.50 -13.18 -11.44
N ALA E 53 -25.30 -12.39 -12.15
CA ALA E 53 -25.07 -12.15 -13.56
C ALA E 53 -23.65 -11.64 -13.83
N ARG E 54 -23.34 -10.48 -13.26
CA ARG E 54 -22.03 -9.89 -13.44
C ARG E 54 -20.93 -10.92 -13.19
N LYS E 55 -21.01 -11.59 -12.03
CA LYS E 55 -20.02 -12.59 -11.66
C LYS E 55 -20.09 -13.82 -12.56
N ARG E 56 -21.24 -14.01 -13.19
CA ARG E 56 -21.44 -15.13 -14.10
C ARG E 56 -20.61 -14.81 -15.36
N GLN E 57 -20.69 -13.57 -15.82
CA GLN E 57 -19.96 -13.13 -17.02
C GLN E 57 -18.45 -13.15 -16.81
N GLU E 58 -18.01 -12.52 -15.73
CA GLU E 58 -16.60 -12.47 -15.40
C GLU E 58 -16.04 -13.89 -15.44
N ALA E 59 -16.91 -14.88 -15.27
CA ALA E 59 -16.51 -16.28 -15.31
C ALA E 59 -16.37 -16.73 -16.76
N VAL E 60 -17.39 -16.49 -17.56
CA VAL E 60 -17.37 -16.88 -18.97
C VAL E 60 -16.24 -16.15 -19.72
N ALA E 61 -16.04 -14.88 -19.36
CA ALA E 61 -15.00 -14.05 -19.98
C ALA E 61 -13.61 -14.32 -19.43
N GLY E 62 -13.50 -15.34 -18.58
CA GLY E 62 -12.21 -15.72 -18.00
C GLY E 62 -11.52 -14.71 -17.12
N ARG E 63 -12.17 -13.58 -16.86
CA ARG E 63 -11.55 -12.55 -16.03
C ARG E 63 -11.43 -13.02 -14.57
N ILE E 64 -12.39 -13.82 -14.11
CA ILE E 64 -12.37 -14.39 -12.76
C ILE E 64 -13.11 -15.72 -12.76
N PRO E 65 -12.39 -16.81 -13.04
CA PRO E 65 -12.94 -18.17 -13.09
C PRO E 65 -13.59 -18.65 -11.79
N ALA E 66 -12.87 -18.54 -10.69
CA ALA E 66 -13.35 -19.01 -9.39
C ALA E 66 -13.50 -17.94 -8.31
N ILE E 67 -14.30 -18.28 -7.29
CA ILE E 67 -14.54 -17.39 -6.17
C ILE E 67 -14.50 -18.19 -4.87
N PHE E 68 -13.81 -17.69 -3.86
CA PHE E 68 -13.79 -18.38 -2.56
C PHE E 68 -14.90 -17.79 -1.74
N SER E 69 -15.29 -18.51 -0.69
CA SER E 69 -16.33 -18.04 0.21
C SER E 69 -15.62 -17.74 1.51
N PRO E 70 -16.31 -17.05 2.43
CA PRO E 70 -15.70 -16.73 3.71
C PRO E 70 -15.42 -18.06 4.41
N ALA E 71 -14.78 -18.02 5.56
CA ALA E 71 -14.47 -19.25 6.29
C ALA E 71 -15.47 -19.58 7.40
N PHE E 72 -15.66 -20.87 7.68
CA PHE E 72 -16.55 -21.30 8.77
C PHE E 72 -15.95 -22.49 9.48
N TYR E 73 -16.37 -22.75 10.72
CA TYR E 73 -15.78 -23.84 11.48
C TYR E 73 -16.74 -24.95 11.92
N THR E 74 -16.19 -26.06 12.39
CA THR E 74 -17.00 -27.19 12.83
C THR E 74 -17.52 -26.94 14.24
N SER E 75 -16.69 -26.30 15.05
CA SER E 75 -17.00 -25.94 16.43
C SER E 75 -16.21 -24.67 16.76
N ARG E 76 -16.43 -24.10 17.93
CA ARG E 76 -15.73 -22.87 18.30
C ARG E 76 -14.20 -22.91 18.15
N TYR E 77 -13.60 -24.08 18.26
CA TYR E 77 -12.15 -24.22 18.10
C TYR E 77 -11.85 -25.42 17.21
N GLY E 78 -12.79 -25.74 16.32
CA GLY E 78 -12.62 -26.87 15.43
C GLY E 78 -11.87 -26.54 14.15
N TYR E 79 -12.14 -27.31 13.09
CA TYR E 79 -11.48 -27.09 11.81
C TYR E 79 -11.97 -25.81 11.11
N LYS E 80 -11.08 -25.25 10.28
CA LYS E 80 -11.39 -24.04 9.52
C LYS E 80 -11.61 -24.51 8.08
N MET E 81 -12.68 -24.03 7.46
CA MET E 81 -13.01 -24.47 6.12
C MET E 81 -13.59 -23.36 5.27
N CYS E 82 -13.54 -23.56 3.94
CA CYS E 82 -14.10 -22.60 3.00
C CYS E 82 -14.49 -23.35 1.70
N LEU E 83 -15.30 -22.71 0.88
CA LEU E 83 -15.73 -23.33 -0.37
C LEU E 83 -15.17 -22.53 -1.57
N ARG E 84 -15.09 -23.19 -2.73
CA ARG E 84 -14.61 -22.56 -3.97
C ARG E 84 -15.56 -22.92 -5.10
N ILE E 85 -16.03 -21.91 -5.84
CA ILE E 85 -16.96 -22.18 -6.93
C ILE E 85 -16.57 -21.52 -8.25
N TYR E 86 -16.65 -22.29 -9.34
CA TYR E 86 -16.37 -21.80 -10.69
C TYR E 86 -17.72 -21.65 -11.39
N LEU E 87 -18.22 -20.41 -11.46
CA LEU E 87 -19.53 -20.15 -12.08
C LEU E 87 -19.71 -20.61 -13.52
N ASN E 88 -18.67 -21.15 -14.13
CA ASN E 88 -18.79 -21.64 -15.50
C ASN E 88 -18.11 -22.99 -15.63
N GLY E 89 -17.92 -23.67 -14.50
CA GLY E 89 -17.29 -24.97 -14.51
C GLY E 89 -15.78 -25.00 -14.41
N ASP E 90 -15.27 -26.20 -14.13
CA ASP E 90 -13.85 -26.47 -13.98
C ASP E 90 -13.70 -27.94 -14.35
N GLY E 91 -12.46 -28.39 -14.56
CA GLY E 91 -12.20 -29.77 -14.91
C GLY E 91 -13.26 -30.37 -15.83
N THR E 92 -13.67 -31.59 -15.50
CA THR E 92 -14.68 -32.30 -16.28
C THR E 92 -15.98 -31.52 -16.38
N GLY E 93 -15.95 -30.25 -16.01
CA GLY E 93 -17.16 -29.45 -16.08
C GLY E 93 -17.00 -28.06 -16.65
N ARG E 94 -15.82 -27.76 -17.20
CA ARG E 94 -15.57 -26.44 -17.76
C ARG E 94 -16.62 -26.05 -18.82
N GLY E 95 -17.16 -24.85 -18.66
CA GLY E 95 -18.16 -24.33 -19.60
C GLY E 95 -19.54 -24.96 -19.66
N THR E 96 -19.69 -26.14 -19.07
CA THR E 96 -20.98 -26.83 -19.11
C THR E 96 -21.72 -26.88 -17.75
N HIS E 97 -20.95 -26.94 -16.67
CA HIS E 97 -21.52 -27.01 -15.33
C HIS E 97 -21.03 -25.92 -14.39
N LEU E 98 -21.59 -25.96 -13.18
CA LEU E 98 -21.24 -25.04 -12.12
C LEU E 98 -20.46 -25.90 -11.13
N SER E 99 -19.15 -25.64 -11.02
CA SER E 99 -18.30 -26.43 -10.15
C SER E 99 -18.23 -25.89 -8.72
N LEU E 100 -18.31 -26.79 -7.75
CA LEU E 100 -18.30 -26.42 -6.35
C LEU E 100 -17.38 -27.36 -5.56
N PHE E 101 -16.44 -26.79 -4.82
CA PHE E 101 -15.51 -27.60 -4.04
C PHE E 101 -15.48 -27.24 -2.56
N PHE E 102 -14.81 -28.11 -1.80
CA PHE E 102 -14.67 -27.98 -0.36
C PHE E 102 -13.20 -27.82 -0.03
N VAL E 103 -12.86 -26.82 0.77
CA VAL E 103 -11.46 -26.61 1.12
C VAL E 103 -11.16 -26.62 2.61
N VAL E 104 -10.18 -27.43 2.99
CA VAL E 104 -9.72 -27.51 4.36
C VAL E 104 -8.61 -26.46 4.45
N MET E 105 -8.68 -25.61 5.46
CA MET E 105 -7.71 -24.55 5.66
C MET E 105 -6.89 -24.76 6.92
N LYS E 106 -5.76 -24.08 7.03
CA LYS E 106 -4.94 -24.20 8.23
C LYS E 106 -5.58 -23.37 9.33
N GLY E 107 -6.16 -24.04 10.32
CA GLY E 107 -6.78 -23.33 11.41
C GLY E 107 -5.85 -23.05 12.57
N PRO E 108 -6.24 -22.15 13.47
CA PRO E 108 -5.45 -21.77 14.64
C PRO E 108 -5.25 -22.88 15.67
N ASN E 109 -6.19 -23.84 15.72
CA ASN E 109 -6.16 -24.94 16.67
C ASN E 109 -5.84 -26.31 16.05
N ASP E 110 -5.33 -26.32 14.83
CA ASP E 110 -5.00 -27.57 14.15
C ASP E 110 -4.20 -28.59 14.96
N ALA E 111 -3.29 -28.11 15.81
CA ALA E 111 -2.47 -29.02 16.62
C ALA E 111 -3.25 -29.74 17.74
N LEU E 112 -4.52 -29.40 17.91
CA LEU E 112 -5.35 -30.04 18.93
C LEU E 112 -6.37 -30.95 18.25
N LEU E 113 -6.50 -30.83 16.93
CA LEU E 113 -7.43 -31.63 16.15
C LEU E 113 -6.81 -32.92 15.63
N ARG E 114 -7.68 -33.87 15.26
CA ARG E 114 -7.25 -35.16 14.73
C ARG E 114 -7.24 -35.10 13.21
N TRP E 115 -6.16 -35.60 12.62
CA TRP E 115 -6.02 -35.62 11.16
C TRP E 115 -5.80 -37.04 10.65
N PRO E 116 -6.15 -37.30 9.38
CA PRO E 116 -6.71 -36.38 8.39
C PRO E 116 -8.19 -36.08 8.58
N PHE E 117 -8.66 -35.03 7.91
CA PHE E 117 -10.07 -34.65 8.00
C PHE E 117 -10.91 -35.82 7.50
N ASN E 118 -11.92 -36.19 8.29
CA ASN E 118 -12.77 -37.31 7.91
C ASN E 118 -14.23 -37.11 8.31
N GLN E 119 -14.81 -35.98 7.87
CA GLN E 119 -16.20 -35.65 8.18
C GLN E 119 -16.99 -35.61 6.88
N LYS E 120 -18.21 -36.13 6.91
CA LYS E 120 -19.01 -36.13 5.69
C LYS E 120 -19.39 -34.71 5.34
N VAL E 121 -19.37 -34.38 4.04
CA VAL E 121 -19.71 -33.03 3.60
C VAL E 121 -20.89 -33.03 2.64
N THR E 122 -21.85 -32.12 2.87
CA THR E 122 -23.02 -32.02 2.01
C THR E 122 -23.13 -30.62 1.41
N LEU E 123 -23.22 -30.58 0.08
CA LEU E 123 -23.29 -29.31 -0.62
C LEU E 123 -24.60 -29.19 -1.36
N MET E 124 -25.19 -28.00 -1.32
CA MET E 124 -26.47 -27.77 -1.97
C MET E 124 -26.51 -26.41 -2.68
N LEU E 125 -27.49 -26.29 -3.58
CA LEU E 125 -27.78 -25.05 -4.31
C LEU E 125 -29.26 -24.91 -4.00
N LEU E 126 -29.58 -24.03 -3.07
CA LEU E 126 -30.96 -23.84 -2.64
C LEU E 126 -31.96 -23.35 -3.68
N ASP E 127 -33.14 -23.95 -3.63
CA ASP E 127 -34.24 -23.57 -4.52
C ASP E 127 -34.91 -22.45 -3.75
N GLN E 128 -34.94 -21.24 -4.31
CA GLN E 128 -35.57 -20.13 -3.60
C GLN E 128 -37.08 -20.25 -3.76
N ASN E 129 -37.52 -21.47 -4.00
CA ASN E 129 -38.92 -21.78 -4.17
C ASN E 129 -39.12 -23.04 -3.32
N ASN E 130 -38.07 -23.36 -2.57
CA ASN E 130 -38.01 -24.49 -1.65
C ASN E 130 -38.52 -25.82 -2.17
N ARG E 131 -38.73 -25.92 -3.48
CA ARG E 131 -39.25 -27.15 -4.08
C ARG E 131 -38.20 -28.26 -4.18
N GLU E 132 -37.20 -28.06 -5.03
CA GLU E 132 -36.16 -29.05 -5.20
C GLU E 132 -34.78 -28.41 -5.19
N HIS E 133 -34.01 -28.73 -4.15
CA HIS E 133 -32.66 -28.21 -4.02
C HIS E 133 -31.73 -29.19 -4.70
N VAL E 134 -30.70 -28.68 -5.36
CA VAL E 134 -29.71 -29.53 -6.00
C VAL E 134 -28.75 -29.92 -4.89
N ILE E 135 -28.74 -31.19 -4.54
CA ILE E 135 -27.90 -31.66 -3.46
C ILE E 135 -26.93 -32.75 -3.88
N ASP E 136 -25.85 -32.88 -3.13
CA ASP E 136 -24.85 -33.90 -3.39
C ASP E 136 -23.90 -33.94 -2.21
N ALA E 137 -23.39 -35.11 -1.86
CA ALA E 137 -22.47 -35.21 -0.73
C ALA E 137 -21.37 -36.21 -0.99
N PHE E 138 -20.36 -36.22 -0.13
CA PHE E 138 -19.24 -37.13 -0.28
C PHE E 138 -18.58 -37.38 1.05
N ARG E 139 -17.61 -38.30 1.06
CA ARG E 139 -16.85 -38.60 2.25
C ARG E 139 -15.39 -38.48 1.85
N PRO E 140 -14.56 -37.84 2.68
CA PRO E 140 -13.13 -37.60 2.50
C PRO E 140 -12.22 -38.80 2.28
N ASP E 141 -11.51 -38.78 1.15
CA ASP E 141 -10.58 -39.85 0.84
C ASP E 141 -9.42 -39.69 1.83
N VAL E 142 -9.44 -40.50 2.87
CA VAL E 142 -8.40 -40.44 3.91
C VAL E 142 -6.97 -40.44 3.39
N THR E 143 -6.78 -40.79 2.13
CA THR E 143 -5.44 -40.84 1.57
C THR E 143 -5.07 -39.58 0.77
N SER E 144 -6.08 -38.87 0.29
CA SER E 144 -5.88 -37.64 -0.48
C SER E 144 -5.00 -36.69 0.32
N SER E 145 -4.53 -35.61 -0.32
CA SER E 145 -3.69 -34.66 0.40
C SER E 145 -4.58 -33.50 0.80
N SER E 146 -5.80 -33.50 0.27
CA SER E 146 -6.77 -32.46 0.56
C SER E 146 -7.18 -32.45 2.03
N PHE E 147 -7.24 -33.64 2.64
CA PHE E 147 -7.67 -33.75 4.03
C PHE E 147 -6.58 -34.01 5.07
N GLN E 148 -5.33 -33.77 4.71
CA GLN E 148 -4.23 -33.97 5.66
C GLN E 148 -4.00 -32.64 6.38
N ARG E 149 -3.37 -32.66 7.55
CA ARG E 149 -3.14 -31.42 8.29
C ARG E 149 -2.46 -30.39 7.41
N PRO E 150 -3.09 -29.22 7.23
CA PRO E 150 -2.57 -28.14 6.41
C PRO E 150 -1.14 -27.72 6.75
N VAL E 151 -0.38 -27.40 5.71
CA VAL E 151 1.00 -26.94 5.86
C VAL E 151 0.98 -25.53 5.29
N ASN E 152 0.09 -25.30 4.33
CA ASN E 152 -0.07 -24.00 3.70
C ASN E 152 -1.39 -23.43 4.22
N ASP E 153 -1.77 -22.26 3.74
CA ASP E 153 -3.02 -21.66 4.18
C ASP E 153 -4.20 -22.55 3.76
N MET E 154 -4.10 -23.14 2.57
CA MET E 154 -5.14 -24.01 2.03
C MET E 154 -4.57 -25.29 1.46
N ASN E 155 -5.29 -26.40 1.63
CA ASN E 155 -4.87 -27.65 1.05
C ASN E 155 -5.60 -27.73 -0.27
N ILE E 156 -5.25 -28.70 -1.10
CA ILE E 156 -5.89 -28.83 -2.40
C ILE E 156 -7.39 -29.06 -2.26
N ALA E 157 -8.17 -28.25 -2.94
CA ALA E 157 -9.62 -28.35 -2.89
C ALA E 157 -10.17 -29.58 -3.61
N SER E 158 -11.24 -30.15 -3.08
CA SER E 158 -11.89 -31.30 -3.68
C SER E 158 -13.39 -31.04 -3.61
N GLY E 159 -14.16 -31.68 -4.48
CA GLY E 159 -15.60 -31.46 -4.46
C GLY E 159 -16.34 -32.08 -5.62
N CYS E 160 -17.20 -31.27 -6.25
CA CYS E 160 -18.02 -31.71 -7.37
C CYS E 160 -17.78 -30.89 -8.63
N PRO E 161 -16.91 -31.36 -9.52
CA PRO E 161 -16.63 -30.62 -10.76
C PRO E 161 -17.87 -30.50 -11.66
N LEU E 162 -18.88 -31.34 -11.42
CA LEU E 162 -20.13 -31.34 -12.22
C LEU E 162 -21.37 -31.08 -11.36
N PHE E 163 -21.18 -30.36 -10.26
CA PHE E 163 -22.27 -30.06 -9.33
C PHE E 163 -23.63 -29.81 -9.97
N CYS E 164 -23.71 -28.80 -10.83
CA CYS E 164 -24.98 -28.46 -11.46
C CYS E 164 -24.84 -27.95 -12.89
N PRO E 165 -25.78 -28.35 -13.78
CA PRO E 165 -25.78 -27.94 -15.20
C PRO E 165 -25.98 -26.44 -15.32
N VAL E 166 -25.22 -25.79 -16.19
CA VAL E 166 -25.35 -24.36 -16.36
C VAL E 166 -26.71 -23.95 -16.90
N SER E 167 -27.24 -24.73 -17.84
CA SER E 167 -28.53 -24.41 -18.42
C SER E 167 -29.62 -24.44 -17.36
N LYS E 168 -29.31 -25.07 -16.22
CA LYS E 168 -30.28 -25.18 -15.13
C LYS E 168 -30.45 -23.86 -14.38
N MET E 169 -30.03 -22.77 -15.02
CA MET E 169 -30.15 -21.46 -14.41
C MET E 169 -29.96 -20.31 -15.40
N GLU E 170 -29.33 -20.61 -16.54
CA GLU E 170 -29.14 -19.61 -17.60
C GLU E 170 -30.43 -19.45 -18.39
N ALA E 171 -31.52 -19.87 -17.76
CA ALA E 171 -32.84 -19.79 -18.36
C ALA E 171 -33.80 -19.36 -17.26
N LYS E 172 -35.05 -19.86 -17.32
CA LYS E 172 -36.04 -19.53 -16.30
C LYS E 172 -36.02 -20.58 -15.19
N ASN E 173 -35.58 -20.18 -14.01
CA ASN E 173 -35.51 -21.08 -12.86
C ASN E 173 -35.89 -20.39 -11.56
N SER E 174 -35.66 -21.11 -10.46
CA SER E 174 -35.95 -20.61 -9.14
C SER E 174 -34.67 -20.47 -8.33
N TYR E 175 -33.55 -20.93 -8.91
CA TYR E 175 -32.27 -20.85 -8.24
C TYR E 175 -31.75 -19.43 -8.21
N VAL E 176 -31.94 -18.71 -9.31
CA VAL E 176 -31.50 -17.32 -9.35
C VAL E 176 -32.72 -16.44 -9.11
N ARG E 177 -32.65 -15.58 -8.10
CA ARG E 177 -33.74 -14.69 -7.74
C ARG E 177 -33.12 -13.39 -7.25
N ASP E 178 -33.62 -12.25 -7.72
CA ASP E 178 -33.07 -10.95 -7.34
C ASP E 178 -31.59 -10.87 -7.76
N ASP E 179 -31.22 -11.66 -8.77
CA ASP E 179 -29.84 -11.69 -9.25
C ASP E 179 -28.95 -12.14 -8.10
N ALA E 180 -29.28 -13.28 -7.52
CA ALA E 180 -28.53 -13.83 -6.41
C ALA E 180 -28.89 -15.31 -6.22
N ILE E 181 -27.95 -16.09 -5.67
CA ILE E 181 -28.17 -17.51 -5.40
C ILE E 181 -27.60 -17.87 -4.03
N PHE E 182 -28.06 -19.00 -3.48
CA PHE E 182 -27.58 -19.43 -2.18
C PHE E 182 -26.95 -20.82 -2.28
N ILE E 183 -25.79 -20.98 -1.66
CA ILE E 183 -25.11 -22.27 -1.64
C ILE E 183 -25.19 -22.68 -0.17
N LYS E 184 -25.26 -23.98 0.10
CA LYS E 184 -25.32 -24.42 1.48
C LYS E 184 -24.42 -25.60 1.75
N ALA E 185 -23.73 -25.58 2.88
CA ALA E 185 -22.85 -26.67 3.24
C ALA E 185 -23.14 -27.13 4.66
N ILE E 186 -23.10 -28.45 4.85
CA ILE E 186 -23.33 -29.05 6.16
C ILE E 186 -22.27 -30.10 6.43
N VAL E 187 -21.40 -29.84 7.39
CA VAL E 187 -20.36 -30.79 7.72
C VAL E 187 -20.85 -31.64 8.90
N ASP E 188 -21.00 -32.93 8.67
CA ASP E 188 -21.44 -33.84 9.70
C ASP E 188 -20.42 -33.80 10.83
N LEU E 189 -20.93 -33.62 12.05
CA LEU E 189 -20.07 -33.52 13.22
C LEU E 189 -19.89 -34.84 13.98
N THR E 190 -20.40 -35.94 13.42
CA THR E 190 -20.28 -37.25 14.04
C THR E 190 -18.83 -37.56 14.40
N GLY E 191 -18.60 -37.94 15.66
CA GLY E 191 -17.26 -38.28 16.09
C GLY E 191 -16.47 -37.11 16.66
N LEU E 192 -17.10 -35.94 16.68
CA LEU E 192 -16.46 -34.76 17.20
C LEU E 192 -17.20 -34.31 18.45
N ALA F 7 0.09 32.10 5.85
CA ALA F 7 -0.60 31.82 7.15
C ALA F 7 -1.93 31.12 6.88
N LEU F 8 -2.58 31.46 5.78
CA LEU F 8 -3.85 30.85 5.41
C LEU F 8 -3.59 29.47 4.81
N SER F 9 -2.30 29.10 4.78
CA SER F 9 -1.87 27.81 4.26
C SER F 9 -1.66 26.89 5.47
N SER F 10 -1.05 27.44 6.52
CA SER F 10 -0.78 26.68 7.73
C SER F 10 -2.06 26.30 8.49
N LYS F 11 -2.92 27.28 8.74
CA LYS F 11 -4.19 27.07 9.46
C LYS F 11 -5.20 26.11 8.81
N VAL F 12 -5.27 26.15 7.48
CA VAL F 12 -6.18 25.29 6.72
C VAL F 12 -5.69 23.84 6.76
N GLN F 13 -4.39 23.66 6.50
CA GLN F 13 -3.83 22.32 6.51
C GLN F 13 -3.99 21.75 7.93
N GLN F 14 -3.54 22.49 8.93
CA GLN F 14 -3.65 22.04 10.32
C GLN F 14 -5.12 21.78 10.65
N LEU F 15 -6.03 22.36 9.87
CA LEU F 15 -7.46 22.15 10.10
C LEU F 15 -7.75 20.73 9.62
N GLU F 16 -7.61 20.52 8.32
CA GLU F 16 -7.83 19.20 7.74
C GLU F 16 -6.96 18.17 8.46
N ARG F 17 -5.89 18.63 9.11
CA ARG F 17 -5.00 17.75 9.84
C ARG F 17 -5.84 16.83 10.72
N SER F 18 -7.02 17.34 11.11
CA SER F 18 -7.99 16.63 11.94
C SER F 18 -8.05 15.13 11.62
N ILE F 19 -7.67 14.77 10.40
CA ILE F 19 -7.67 13.37 10.00
C ILE F 19 -6.91 12.55 11.06
N GLY F 20 -6.02 13.22 11.78
CA GLY F 20 -5.26 12.55 12.82
C GLY F 20 -6.18 12.09 13.93
N LEU F 21 -7.07 12.98 14.35
CA LEU F 21 -8.03 12.67 15.39
C LEU F 21 -8.88 11.47 14.99
N LYS F 22 -9.34 11.46 13.75
CA LYS F 22 -10.16 10.35 13.28
C LYS F 22 -9.34 9.06 13.21
N ASP F 23 -8.03 9.20 13.09
CA ASP F 23 -7.15 8.05 13.01
C ASP F 23 -7.19 7.28 14.33
N LEU F 24 -7.28 8.01 15.44
CA LEU F 24 -7.32 7.41 16.77
C LEU F 24 -8.57 6.52 16.95
N ALA F 25 -9.71 6.98 16.43
CA ALA F 25 -10.94 6.20 16.54
C ALA F 25 -10.80 4.91 15.75
N MET F 26 -10.13 5.00 14.61
CA MET F 26 -9.89 3.83 13.78
C MET F 26 -9.08 2.81 14.55
N ALA F 27 -7.98 3.25 15.17
CA ALA F 27 -7.16 2.33 15.92
C ALA F 27 -8.04 1.66 16.97
N ASP F 28 -8.84 2.47 17.66
CA ASP F 28 -9.73 1.96 18.69
C ASP F 28 -10.71 0.94 18.14
N LEU F 29 -11.23 1.19 16.94
CA LEU F 29 -12.16 0.26 16.34
C LEU F 29 -11.45 -1.02 15.94
N GLU F 30 -10.24 -0.90 15.42
CA GLU F 30 -9.44 -2.07 15.03
C GLU F 30 -9.28 -3.00 16.23
N GLN F 31 -8.90 -2.42 17.36
CA GLN F 31 -8.71 -3.19 18.56
C GLN F 31 -10.01 -3.84 19.05
N LYS F 32 -11.13 -3.14 18.93
CA LYS F 32 -12.41 -3.70 19.36
C LYS F 32 -12.77 -4.96 18.57
N VAL F 33 -12.63 -4.88 17.24
CA VAL F 33 -12.93 -5.99 16.38
C VAL F 33 -12.06 -7.17 16.78
N LEU F 34 -10.80 -6.89 17.07
CA LEU F 34 -9.86 -7.92 17.47
C LEU F 34 -10.28 -8.59 18.77
N GLU F 35 -10.76 -7.81 19.72
CA GLU F 35 -11.19 -8.36 20.99
C GLU F 35 -12.38 -9.31 20.78
N MET F 36 -13.36 -8.89 19.99
CA MET F 36 -14.56 -9.69 19.69
C MET F 36 -14.24 -11.05 19.07
N GLU F 37 -13.21 -11.09 18.23
CA GLU F 37 -12.81 -12.31 17.54
C GLU F 37 -12.33 -13.42 18.48
N ALA F 38 -11.95 -13.07 19.71
CA ALA F 38 -11.46 -14.08 20.65
C ALA F 38 -12.44 -14.48 21.75
N SER F 39 -13.49 -13.69 21.97
CA SER F 39 -14.44 -14.02 23.01
C SER F 39 -15.29 -15.24 22.71
N THR F 40 -15.82 -15.86 23.76
CA THR F 40 -16.70 -17.03 23.65
C THR F 40 -17.82 -16.82 24.66
N TYR F 41 -18.91 -17.57 24.56
CA TYR F 41 -20.01 -17.40 25.48
C TYR F 41 -20.56 -18.70 26.04
N ASP F 42 -19.67 -19.61 26.43
CA ASP F 42 -20.09 -20.88 26.97
C ASP F 42 -19.23 -21.34 28.13
N GLY F 43 -18.48 -20.42 28.73
CA GLY F 43 -17.64 -20.77 29.85
C GLY F 43 -16.35 -21.49 29.47
N VAL F 44 -16.19 -21.80 28.19
CA VAL F 44 -14.99 -22.49 27.72
C VAL F 44 -14.11 -21.57 26.89
N PHE F 45 -12.82 -21.53 27.21
CA PHE F 45 -11.89 -20.66 26.51
C PHE F 45 -10.52 -21.30 26.29
N ILE F 46 -10.01 -21.19 25.07
CA ILE F 46 -8.70 -21.74 24.75
C ILE F 46 -7.76 -20.65 24.25
N TRP F 47 -6.75 -20.36 25.07
CA TRP F 47 -5.78 -19.32 24.79
C TRP F 47 -4.44 -19.83 24.23
N LYS F 48 -4.18 -19.45 22.98
CA LYS F 48 -2.97 -19.84 22.28
C LYS F 48 -1.92 -18.75 22.41
N ILE F 49 -0.79 -19.10 23.01
CA ILE F 49 0.29 -18.15 23.18
C ILE F 49 1.45 -18.54 22.25
N SER F 50 1.57 -17.81 21.14
CA SER F 50 2.63 -18.03 20.15
C SER F 50 3.87 -17.26 20.61
N ASP F 51 4.95 -17.32 19.82
CA ASP F 51 6.22 -16.65 20.17
C ASP F 51 6.59 -16.92 21.61
N PHE F 52 6.26 -18.12 22.08
CA PHE F 52 6.54 -18.51 23.45
C PHE F 52 7.95 -18.18 23.88
N ALA F 53 8.92 -18.66 23.10
CA ALA F 53 10.32 -18.43 23.40
C ALA F 53 10.61 -16.96 23.69
N ARG F 54 10.24 -16.09 22.76
CA ARG F 54 10.48 -14.65 22.92
C ARG F 54 9.82 -14.13 24.20
N LYS F 55 8.50 -14.31 24.29
CA LYS F 55 7.76 -13.85 25.47
C LYS F 55 8.31 -14.46 26.74
N ARG F 56 8.77 -15.71 26.63
CA ARG F 56 9.30 -16.45 27.78
C ARG F 56 10.56 -15.76 28.29
N GLN F 57 11.29 -15.16 27.36
CA GLN F 57 12.53 -14.48 27.68
C GLN F 57 12.28 -13.12 28.29
N GLU F 58 11.32 -12.39 27.72
CA GLU F 58 10.97 -11.06 28.21
C GLU F 58 10.57 -11.18 29.67
N ALA F 59 10.01 -12.31 30.04
CA ALA F 59 9.59 -12.51 31.41
C ALA F 59 10.78 -12.77 32.33
N VAL F 60 11.74 -13.58 31.87
CA VAL F 60 12.92 -13.89 32.67
C VAL F 60 13.73 -12.63 32.91
N ALA F 61 13.94 -11.86 31.85
CA ALA F 61 14.68 -10.61 31.93
C ALA F 61 13.93 -9.61 32.80
N GLY F 62 12.65 -9.88 33.06
CA GLY F 62 11.86 -8.96 33.89
C GLY F 62 11.29 -7.77 33.15
N ARG F 63 11.39 -7.80 31.83
CA ARG F 63 10.88 -6.73 30.95
C ARG F 63 9.36 -6.77 30.84
N ILE F 64 8.82 -7.98 30.79
CA ILE F 64 7.39 -8.20 30.71
C ILE F 64 7.04 -9.43 31.55
N PRO F 65 6.80 -9.20 32.85
CA PRO F 65 6.47 -10.25 33.81
C PRO F 65 5.18 -11.03 33.53
N ALA F 66 4.10 -10.32 33.21
CA ALA F 66 2.82 -10.98 32.97
C ALA F 66 2.15 -10.61 31.66
N ILE F 67 1.13 -11.39 31.32
CA ILE F 67 0.35 -11.19 30.11
C ILE F 67 -1.13 -11.50 30.36
N PHE F 68 -2.01 -10.60 29.93
CA PHE F 68 -3.44 -10.82 30.07
C PHE F 68 -3.96 -11.50 28.81
N SER F 69 -5.02 -12.28 28.95
CA SER F 69 -5.61 -12.95 27.79
C SER F 69 -6.84 -12.13 27.38
N PRO F 70 -7.40 -12.41 26.21
CA PRO F 70 -8.60 -11.69 25.77
C PRO F 70 -9.71 -12.06 26.77
N ALA F 71 -10.86 -11.41 26.70
CA ALA F 71 -11.98 -11.69 27.61
C ALA F 71 -12.96 -12.74 27.07
N PHE F 72 -13.65 -13.44 27.98
CA PHE F 72 -14.65 -14.45 27.59
C PHE F 72 -15.82 -14.49 28.57
N TYR F 73 -16.95 -15.07 28.17
CA TYR F 73 -18.12 -15.08 29.05
C TYR F 73 -18.72 -16.44 29.39
N THR F 74 -19.48 -16.48 30.49
CA THR F 74 -20.13 -17.72 30.92
C THR F 74 -21.26 -18.06 29.98
N SER F 75 -22.00 -17.05 29.56
CA SER F 75 -23.13 -17.20 28.63
C SER F 75 -23.22 -15.91 27.82
N ARG F 76 -24.18 -15.84 26.90
CA ARG F 76 -24.32 -14.65 26.06
C ARG F 76 -24.42 -13.34 26.85
N TYR F 77 -25.05 -13.38 28.03
CA TYR F 77 -25.15 -12.17 28.87
C TYR F 77 -24.67 -12.49 30.28
N GLY F 78 -23.65 -13.35 30.37
CA GLY F 78 -23.12 -13.76 31.66
C GLY F 78 -21.94 -12.98 32.19
N TYR F 79 -21.14 -13.62 33.05
CA TYR F 79 -19.98 -12.96 33.63
C TYR F 79 -18.88 -12.74 32.60
N LYS F 80 -18.11 -11.67 32.80
CA LYS F 80 -17.01 -11.36 31.90
C LYS F 80 -15.74 -11.77 32.65
N MET F 81 -14.83 -12.45 31.95
CA MET F 81 -13.61 -12.94 32.59
C MET F 81 -12.41 -12.95 31.65
N CYS F 82 -11.22 -13.02 32.24
CA CYS F 82 -9.99 -13.10 31.47
C CYS F 82 -8.98 -13.81 32.36
N LEU F 83 -7.85 -14.19 31.79
CA LEU F 83 -6.82 -14.88 32.56
C LEU F 83 -5.57 -14.02 32.57
N ARG F 84 -4.63 -14.34 33.47
CA ARG F 84 -3.37 -13.64 33.55
C ARG F 84 -2.25 -14.62 33.87
N ILE F 85 -1.19 -14.59 33.06
CA ILE F 85 -0.09 -15.52 33.23
C ILE F 85 1.30 -14.90 33.35
N TYR F 86 2.12 -15.49 34.21
CA TYR F 86 3.50 -15.04 34.38
C TYR F 86 4.38 -16.20 33.92
N LEU F 87 4.85 -16.11 32.68
CA LEU F 87 5.68 -17.15 32.11
C LEU F 87 6.90 -17.56 32.93
N ASN F 88 7.29 -16.74 33.91
CA ASN F 88 8.43 -17.06 34.76
C ASN F 88 8.08 -16.94 36.23
N GLY F 89 6.80 -17.10 36.55
CA GLY F 89 6.34 -17.08 37.93
C GLY F 89 6.08 -15.79 38.69
N ASP F 90 5.22 -15.92 39.70
CA ASP F 90 4.84 -14.82 40.60
C ASP F 90 4.66 -15.41 42.01
N GLY F 91 4.76 -14.56 43.02
CA GLY F 91 4.61 -14.99 44.39
C GLY F 91 5.49 -16.18 44.73
N THR F 92 4.92 -17.12 45.47
CA THR F 92 5.63 -18.33 45.88
C THR F 92 6.26 -19.06 44.67
N GLY F 93 5.79 -18.72 43.47
CA GLY F 93 6.29 -19.37 42.27
C GLY F 93 7.27 -18.57 41.45
N ARG F 94 7.67 -17.41 41.97
CA ARG F 94 8.61 -16.58 41.26
C ARG F 94 9.85 -17.34 40.80
N GLY F 95 10.14 -17.28 39.50
CA GLY F 95 11.32 -17.92 38.95
C GLY F 95 11.37 -19.44 38.84
N THR F 96 10.46 -20.14 39.50
CA THR F 96 10.49 -21.61 39.44
C THR F 96 9.32 -22.20 38.67
N HIS F 97 8.14 -21.62 38.84
CA HIS F 97 6.97 -22.13 38.15
C HIS F 97 6.30 -21.12 37.24
N LEU F 98 5.37 -21.62 36.45
CA LEU F 98 4.58 -20.81 35.55
C LEU F 98 3.35 -20.51 36.40
N SER F 99 3.04 -19.23 36.56
CA SER F 99 1.90 -18.80 37.37
C SER F 99 0.69 -18.43 36.52
N LEU F 100 -0.46 -18.99 36.87
CA LEU F 100 -1.70 -18.75 36.12
C LEU F 100 -2.82 -18.30 37.04
N PHE F 101 -3.47 -17.19 36.69
CA PHE F 101 -4.57 -16.69 37.50
C PHE F 101 -5.88 -16.51 36.72
N PHE F 102 -6.97 -16.35 37.45
CA PHE F 102 -8.31 -16.16 36.89
C PHE F 102 -8.76 -14.75 37.30
N VAL F 103 -9.40 -14.03 36.40
CA VAL F 103 -9.84 -12.67 36.68
C VAL F 103 -11.31 -12.38 36.41
N VAL F 104 -12.02 -11.89 37.42
CA VAL F 104 -13.41 -11.52 37.22
C VAL F 104 -13.38 -10.06 36.75
N MET F 105 -14.00 -9.80 35.61
CA MET F 105 -14.01 -8.45 35.07
C MET F 105 -15.38 -7.83 35.15
N LYS F 106 -15.44 -6.50 35.06
CA LYS F 106 -16.71 -5.80 35.09
C LYS F 106 -17.35 -6.03 33.73
N GLY F 107 -18.54 -6.62 33.72
CA GLY F 107 -19.24 -6.89 32.47
C GLY F 107 -20.45 -6.00 32.32
N PRO F 108 -21.00 -5.88 31.10
CA PRO F 108 -22.18 -5.06 30.78
C PRO F 108 -23.52 -5.48 31.41
N ASN F 109 -23.61 -6.73 31.90
CA ASN F 109 -24.84 -7.24 32.50
C ASN F 109 -24.71 -7.58 33.99
N ASP F 110 -23.61 -7.17 34.62
CA ASP F 110 -23.38 -7.46 36.03
C ASP F 110 -24.57 -7.19 36.95
N ALA F 111 -25.35 -6.17 36.65
CA ALA F 111 -26.52 -5.81 37.46
C ALA F 111 -27.59 -6.90 37.47
N LEU F 112 -27.59 -7.76 36.45
CA LEU F 112 -28.57 -8.82 36.35
C LEU F 112 -28.03 -10.15 36.88
N LEU F 113 -26.78 -10.17 37.31
CA LEU F 113 -26.15 -11.40 37.81
C LEU F 113 -26.10 -11.47 39.32
N ARG F 114 -25.85 -12.68 39.82
CA ARG F 114 -25.76 -12.91 41.26
C ARG F 114 -24.32 -12.72 41.72
N TRP F 115 -24.16 -12.09 42.88
CA TRP F 115 -22.83 -11.87 43.44
C TRP F 115 -22.76 -12.31 44.89
N PRO F 116 -21.59 -12.76 45.36
CA PRO F 116 -20.32 -12.91 44.62
C PRO F 116 -20.30 -14.05 43.60
N PHE F 117 -19.29 -14.03 42.75
CA PHE F 117 -19.09 -15.06 41.72
C PHE F 117 -18.86 -16.37 42.46
N ASN F 118 -19.58 -17.43 42.08
CA ASN F 118 -19.44 -18.71 42.78
C ASN F 118 -19.47 -19.93 41.86
N GLN F 119 -18.72 -19.89 40.76
CA GLN F 119 -18.67 -21.01 39.81
C GLN F 119 -17.30 -21.66 39.86
N LYS F 120 -17.26 -23.00 39.84
CA LYS F 120 -16.00 -23.73 39.86
C LYS F 120 -15.20 -23.43 38.61
N VAL F 121 -13.92 -23.11 38.79
CA VAL F 121 -13.03 -22.77 37.69
C VAL F 121 -11.96 -23.84 37.48
N THR F 122 -11.82 -24.32 36.25
CA THR F 122 -10.79 -25.31 35.94
C THR F 122 -9.78 -24.73 34.97
N LEU F 123 -8.50 -24.88 35.30
CA LEU F 123 -7.41 -24.37 34.46
C LEU F 123 -6.45 -25.46 33.98
N MET F 124 -6.10 -25.42 32.69
CA MET F 124 -5.22 -26.43 32.08
C MET F 124 -4.14 -25.90 31.13
N LEU F 125 -3.03 -26.62 31.06
CA LEU F 125 -1.92 -26.34 30.15
C LEU F 125 -1.89 -27.58 29.26
N LEU F 126 -2.59 -27.52 28.13
CA LEU F 126 -2.69 -28.65 27.23
C LEU F 126 -1.40 -29.31 26.74
N ASP F 127 -1.47 -30.63 26.61
CA ASP F 127 -0.37 -31.44 26.10
C ASP F 127 -0.76 -31.65 24.64
N GLN F 128 0.06 -31.16 23.73
CA GLN F 128 -0.25 -31.28 22.31
C GLN F 128 0.01 -32.69 21.81
N ASN F 129 0.25 -33.59 22.77
CA ASN F 129 0.49 -34.98 22.51
C ASN F 129 -0.68 -35.69 23.17
N ASN F 130 -1.59 -34.87 23.69
CA ASN F 130 -2.82 -35.28 24.35
C ASN F 130 -2.64 -36.48 25.29
N ARG F 131 -1.44 -36.62 25.85
CA ARG F 131 -1.18 -37.73 26.76
C ARG F 131 -1.46 -37.34 28.22
N GLU F 132 -0.94 -36.18 28.64
CA GLU F 132 -1.16 -35.73 30.02
C GLU F 132 -1.15 -34.20 30.19
N HIS F 133 -2.35 -33.61 30.24
CA HIS F 133 -2.51 -32.18 30.40
C HIS F 133 -2.27 -31.79 31.86
N VAL F 134 -1.61 -30.67 32.10
CA VAL F 134 -1.40 -30.22 33.48
C VAL F 134 -2.74 -29.57 33.83
N ILE F 135 -3.35 -29.96 34.94
CA ILE F 135 -4.64 -29.41 35.30
C ILE F 135 -4.82 -29.09 36.77
N ASP F 136 -5.54 -28.02 37.05
CA ASP F 136 -5.83 -27.61 38.41
C ASP F 136 -7.21 -26.96 38.42
N ALA F 137 -7.90 -27.06 39.55
CA ALA F 137 -9.23 -26.48 39.65
C ALA F 137 -9.50 -25.97 41.06
N PHE F 138 -10.45 -25.06 41.19
CA PHE F 138 -10.80 -24.51 42.49
C PHE F 138 -12.23 -23.98 42.53
N ARG F 139 -12.69 -23.65 43.72
CA ARG F 139 -14.01 -23.06 43.93
C ARG F 139 -13.72 -21.72 44.60
N PRO F 140 -14.38 -20.65 44.15
CA PRO F 140 -14.19 -19.29 44.68
C PRO F 140 -14.40 -19.17 46.18
N ASP F 141 -13.59 -18.31 46.79
CA ASP F 141 -13.68 -18.04 48.21
C ASP F 141 -14.69 -16.89 48.32
N VAL F 142 -15.94 -17.24 48.57
CA VAL F 142 -17.02 -16.26 48.67
C VAL F 142 -16.71 -15.01 49.48
N THR F 143 -15.71 -15.07 50.35
CA THR F 143 -15.36 -13.92 51.18
C THR F 143 -14.21 -13.09 50.60
N SER F 144 -13.64 -13.58 49.51
CA SER F 144 -12.53 -12.92 48.85
C SER F 144 -12.94 -11.70 47.99
N SER F 145 -12.05 -10.73 47.93
CA SER F 145 -12.24 -9.52 47.17
C SER F 145 -12.25 -9.84 45.68
N SER F 146 -11.72 -11.00 45.33
CA SER F 146 -11.66 -11.43 43.95
C SER F 146 -12.98 -11.76 43.28
N PHE F 147 -13.99 -12.15 44.06
CA PHE F 147 -15.25 -12.53 43.44
C PHE F 147 -16.47 -11.67 43.75
N GLN F 148 -16.25 -10.47 44.28
CA GLN F 148 -17.36 -9.57 44.57
C GLN F 148 -17.69 -8.80 43.31
N ARG F 149 -18.85 -8.15 43.28
CA ARG F 149 -19.22 -7.39 42.10
C ARG F 149 -18.14 -6.38 41.80
N PRO F 150 -17.68 -6.36 40.54
CA PRO F 150 -16.63 -5.45 40.11
C PRO F 150 -16.97 -3.98 40.25
N VAL F 151 -16.02 -3.23 40.78
CA VAL F 151 -16.15 -1.79 40.93
C VAL F 151 -15.23 -1.20 39.88
N ASN F 152 -14.14 -1.90 39.61
CA ASN F 152 -13.15 -1.52 38.62
C ASN F 152 -13.29 -2.46 37.42
N ASP F 153 -12.51 -2.20 36.37
CA ASP F 153 -12.52 -3.03 35.17
C ASP F 153 -12.18 -4.49 35.53
N MET F 154 -11.23 -4.65 36.44
CA MET F 154 -10.79 -5.97 36.90
C MET F 154 -10.70 -6.07 38.42
N ASN F 155 -11.20 -7.18 38.98
CA ASN F 155 -11.07 -7.39 40.41
C ASN F 155 -9.67 -7.93 40.62
N ILE F 156 -9.29 -8.15 41.87
CA ILE F 156 -7.97 -8.70 42.14
C ILE F 156 -8.00 -10.13 41.61
N ALA F 157 -6.94 -10.52 40.92
CA ALA F 157 -6.83 -11.85 40.35
C ALA F 157 -6.44 -12.89 41.39
N SER F 158 -6.91 -14.11 41.20
CA SER F 158 -6.57 -15.22 42.10
C SER F 158 -6.46 -16.49 41.26
N GLY F 159 -5.63 -17.42 41.70
CA GLY F 159 -5.48 -18.66 40.96
C GLY F 159 -4.43 -19.64 41.44
N CYS F 160 -3.49 -19.96 40.54
CA CYS F 160 -2.46 -20.94 40.85
C CYS F 160 -1.02 -20.42 40.71
N PRO F 161 -0.41 -20.00 41.84
CA PRO F 161 0.96 -19.48 41.86
C PRO F 161 1.99 -20.51 41.40
N LEU F 162 1.71 -21.76 41.71
CA LEU F 162 2.60 -22.88 41.36
C LEU F 162 1.91 -23.83 40.41
N PHE F 163 1.28 -23.26 39.39
CA PHE F 163 0.53 -24.02 38.39
C PHE F 163 1.34 -25.10 37.67
N CYS F 164 2.59 -24.78 37.33
CA CYS F 164 3.43 -25.72 36.60
C CYS F 164 4.93 -25.37 36.58
N PRO F 165 5.78 -26.37 36.87
CA PRO F 165 7.24 -26.23 36.89
C PRO F 165 7.85 -25.77 35.56
N VAL F 166 8.71 -24.78 35.64
CA VAL F 166 9.36 -24.22 34.47
C VAL F 166 10.11 -25.28 33.65
N SER F 167 10.93 -26.07 34.34
CA SER F 167 11.71 -27.13 33.70
C SER F 167 10.81 -28.04 32.87
N LYS F 168 9.54 -28.12 33.28
CA LYS F 168 8.57 -28.98 32.60
C LYS F 168 8.30 -28.46 31.19
N MET F 169 9.15 -27.56 30.71
CA MET F 169 9.02 -27.02 29.36
C MET F 169 10.29 -26.35 28.82
N GLU F 170 11.20 -25.95 29.71
CA GLU F 170 12.45 -25.35 29.26
C GLU F 170 13.41 -26.43 28.79
N ALA F 171 12.86 -27.62 28.58
CA ALA F 171 13.64 -28.77 28.12
C ALA F 171 12.94 -29.37 26.89
N LYS F 172 12.96 -30.69 26.78
CA LYS F 172 12.31 -31.38 25.68
C LYS F 172 10.93 -31.83 26.17
N ASN F 173 9.89 -31.12 25.74
CA ASN F 173 8.53 -31.44 26.16
C ASN F 173 7.50 -31.47 25.03
N SER F 174 6.25 -31.70 25.42
CA SER F 174 5.14 -31.76 24.49
C SER F 174 4.16 -30.61 24.71
N TYR F 175 4.46 -29.73 25.66
CA TYR F 175 3.60 -28.59 25.94
C TYR F 175 3.94 -27.45 25.01
N VAL F 176 5.22 -27.33 24.67
CA VAL F 176 5.64 -26.28 23.76
C VAL F 176 5.93 -26.94 22.42
N ARG F 177 5.21 -26.51 21.39
CA ARG F 177 5.40 -27.04 20.05
C ARG F 177 5.18 -25.88 19.07
N ASP F 178 5.99 -25.82 18.03
CA ASP F 178 5.89 -24.74 17.05
C ASP F 178 6.05 -23.39 17.73
N ASP F 179 6.69 -23.40 18.90
CA ASP F 179 6.92 -22.18 19.67
C ASP F 179 5.59 -21.57 20.13
N ALA F 180 4.73 -22.40 20.71
CA ALA F 180 3.42 -21.95 21.18
C ALA F 180 2.80 -22.96 22.15
N ILE F 181 2.07 -22.47 23.15
CA ILE F 181 1.41 -23.34 24.12
C ILE F 181 -0.07 -22.98 24.19
N PHE F 182 -0.90 -23.93 24.58
CA PHE F 182 -2.34 -23.68 24.70
C PHE F 182 -2.80 -23.76 26.14
N ILE F 183 -3.45 -22.70 26.62
CA ILE F 183 -3.97 -22.67 27.97
C ILE F 183 -5.47 -22.80 27.79
N LYS F 184 -6.12 -23.60 28.63
CA LYS F 184 -7.57 -23.74 28.51
C LYS F 184 -8.23 -23.49 29.85
N ALA F 185 -9.38 -22.82 29.81
CA ALA F 185 -10.15 -22.55 31.02
C ALA F 185 -11.56 -23.05 30.82
N ILE F 186 -12.16 -23.60 31.87
CA ILE F 186 -13.53 -24.09 31.78
C ILE F 186 -14.25 -23.66 33.04
N VAL F 187 -15.30 -22.87 32.87
CA VAL F 187 -16.08 -22.40 34.00
C VAL F 187 -17.36 -23.21 34.11
N ASP F 188 -17.48 -23.94 35.20
CA ASP F 188 -18.67 -24.75 35.43
C ASP F 188 -19.90 -23.84 35.48
N LEU F 189 -20.94 -24.21 34.73
CA LEU F 189 -22.16 -23.41 34.67
C LEU F 189 -23.31 -23.95 35.53
N THR F 190 -22.98 -24.65 36.60
CA THR F 190 -24.00 -25.20 37.49
C THR F 190 -24.71 -24.08 38.26
N GLY F 191 -26.01 -23.96 38.06
CA GLY F 191 -26.77 -22.95 38.77
C GLY F 191 -27.06 -21.72 37.96
N LEU F 192 -26.49 -21.64 36.77
CA LEU F 192 -26.72 -20.50 35.89
C LEU F 192 -27.72 -20.86 34.80
N PRO G 4 -9.26 -10.21 -22.33
CA PRO G 4 -9.90 -10.11 -20.99
C PRO G 4 -10.39 -8.70 -20.72
N PHE G 5 -10.29 -8.28 -19.47
CA PHE G 5 -10.70 -6.95 -19.01
C PHE G 5 -10.23 -6.78 -17.59
N SER G 6 -10.03 -5.53 -17.21
CA SER G 6 -9.55 -5.17 -15.88
C SER G 6 -10.64 -5.00 -14.82
N LYS G 7 -10.24 -5.15 -13.57
CA LYS G 7 -11.14 -4.97 -12.43
C LYS G 7 -10.53 -4.02 -11.45
N GLU G 8 -11.31 -3.04 -11.01
CA GLU G 8 -10.81 -2.06 -10.06
C GLU G 8 -10.49 -2.75 -8.75
N GLU G 9 -9.72 -2.07 -7.92
CA GLU G 9 -9.35 -2.59 -6.61
C GLU G 9 -10.51 -2.23 -5.69
N CYS G 10 -10.74 -3.00 -4.64
CA CYS G 10 -11.84 -2.66 -3.74
C CYS G 10 -11.29 -2.22 -2.40
CA GLY H 1 11.42 27.52 -50.35
C GLY H 1 12.02 26.20 -49.98
N GLN H 2 13.34 26.17 -49.95
CA GLN H 2 14.08 24.96 -49.63
C GLN H 2 14.58 25.05 -48.22
N VAL H 3 15.51 25.97 -48.04
CA VAL H 3 16.17 26.18 -46.79
C VAL H 3 16.01 27.59 -46.29
N PRO H 4 14.84 27.95 -45.78
CA PRO H 4 14.88 29.35 -45.34
C PRO H 4 16.02 29.39 -44.33
N PHE H 5 16.94 30.31 -44.53
CA PHE H 5 18.05 30.43 -43.61
C PHE H 5 17.49 31.02 -42.32
N SER H 6 18.12 30.73 -41.20
CA SER H 6 17.67 31.26 -39.92
C SER H 6 18.20 32.67 -39.78
N LYS H 7 17.52 33.45 -38.95
CA LYS H 7 17.93 34.83 -38.67
C LYS H 7 18.34 34.91 -37.20
N GLU H 8 19.39 35.68 -36.91
CA GLU H 8 19.87 35.81 -35.53
C GLU H 8 18.92 36.67 -34.74
N GLU H 9 18.84 36.39 -33.44
CA GLU H 9 18.00 37.18 -32.56
C GLU H 9 18.68 38.55 -32.52
N CYS H 10 17.97 39.58 -32.10
CA CYS H 10 18.58 40.89 -32.05
C CYS H 10 17.81 41.84 -31.12
#